data_5K6A
#
_entry.id   5K6A
#
_cell.length_a   74.720
_cell.length_b   89.894
_cell.length_c   82.684
_cell.angle_alpha   90.00
_cell.angle_beta   115.75
_cell.angle_gamma   90.00
#
_symmetry.space_group_name_H-M   'P 1 21 1'
#
loop_
_entity.id
_entity.type
_entity.pdbx_description
1 polymer 'Pteridine reductase'
2 polymer 'Pteridine reductase'
3 non-polymer 'NADP NICOTINAMIDE-ADENINE-DINUCLEOTIDE PHOSPHATE'
4 non-polymer (2~{R})-2-(3-hydroxyphenyl)-6-oxidanyl-2,3-dihydrochromen-4-one
5 non-polymer 'ACETATE ION'
6 water water
#
loop_
_entity_poly.entity_id
_entity_poly.type
_entity_poly.pdbx_seq_one_letter_code
_entity_poly.pdbx_strand_id
1 'polypeptide(L)'
;MGSSHHHHHHSSGLVPRGSHMEAPAAVVTGAAKRIGRAIAVKLHQTGYRVVIHYHNSAEAAVSLADELNKERSNTAVVCQ
ADLTNSNVLPASCEEIINSCFRAFGRCDVLVNNASAFYPTPLVQGDHEDNSNGKTVETQVAELIGTNAIAPFLLTMSFAQ
RQKGTNPNCTSSNLSIVNLCDAMVDQP(CSX)MAFSLYNMGKHALVGLTQSAALELAPYGIRVNGVAPGVSLLPVAMGEE
EKDKWRRKVPLGRREASAEQIADAVIFLVSGSAQYITGSIIKVDGGLSLVHA
;
A,B,D
2 'polypeptide(L)'
;MGSSHHHHHHSSGLVPRGSHMEAPAAVVTGAAKRIGRAIAVKLHQTGYRVVIHYHNSAEAAVSLADELNKERSNTAVV
(OCS)QADLTNSNVLPASCEEIINSCFRAFGRCDVLVNNASAFYPTPLVQGDHEDNSNGKTVETQVAELIGTNAIAPFLL
TMSFAQRQKGTNPNCTSSNLSIVNLCDAMVDQP(CSX)MAFSLYNMGKHALVGLTQSAALELAPYGIRVNGVAPGVSLLP
VAMGEEEKDKWRRKVPLGRREASAEQIADAVIFLVSGSAQYITGSIIKVDGGLSLVHA
;
C
#
loop_
_chem_comp.id
_chem_comp.type
_chem_comp.name
_chem_comp.formula
6QT non-polymer (2~{R})-2-(3-hydroxyphenyl)-6-oxidanyl-2,3-dihydrochromen-4-one 'C15 H12 O4'
ACT non-polymer 'ACETATE ION' 'C2 H3 O2 -1'
NAP non-polymer 'NADP NICOTINAMIDE-ADENINE-DINUCLEOTIDE PHOSPHATE' 'C21 H28 N7 O17 P3'
#
# COMPACT_ATOMS: atom_id res chain seq x y z
N GLU A 22 -10.42 -30.59 25.99
CA GLU A 22 -9.26 -29.64 26.13
C GLU A 22 -8.63 -29.29 24.79
N ALA A 23 -8.97 -30.00 23.71
CA ALA A 23 -8.46 -29.68 22.39
C ALA A 23 -9.25 -28.47 21.84
N PRO A 24 -8.55 -27.50 21.22
CA PRO A 24 -9.31 -26.39 20.71
C PRO A 24 -10.12 -26.78 19.49
N ALA A 25 -11.02 -25.88 19.11
CA ALA A 25 -11.90 -26.16 17.97
C ALA A 25 -11.89 -25.01 16.95
N ALA A 26 -11.98 -25.39 15.69
CA ALA A 26 -11.96 -24.40 14.60
C ALA A 26 -13.17 -24.58 13.69
N VAL A 27 -13.68 -23.49 13.11
CA VAL A 27 -14.60 -23.53 11.93
C VAL A 27 -13.82 -23.14 10.66
N VAL A 28 -13.91 -23.95 9.60
CA VAL A 28 -13.31 -23.56 8.29
C VAL A 28 -14.48 -23.57 7.34
N THR A 29 -14.72 -22.43 6.65
CA THR A 29 -15.84 -22.37 5.70
C THR A 29 -15.33 -22.90 4.36
N GLY A 30 -16.21 -23.51 3.58
CA GLY A 30 -15.87 -24.03 2.25
C GLY A 30 -14.76 -25.07 2.35
N ALA A 31 -14.87 -25.94 3.33
CA ALA A 31 -13.76 -26.83 3.68
C ALA A 31 -13.81 -28.23 3.07
N ALA A 32 -14.78 -28.49 2.19
CA ALA A 32 -14.92 -29.82 1.59
C ALA A 32 -13.75 -30.21 0.74
N LYS A 33 -13.18 -29.23 0.03
CA LYS A 33 -12.18 -29.53 -1.00
C LYS A 33 -11.10 -28.44 -1.05
N ARG A 34 -10.05 -28.69 -1.82
CA ARG A 34 -9.12 -27.61 -2.23
C ARG A 34 -8.48 -26.95 -0.99
N ILE A 35 -8.34 -25.62 -0.96
CA ILE A 35 -7.58 -24.96 0.13
C ILE A 35 -8.27 -25.10 1.49
N GLY A 36 -9.60 -24.96 1.53
CA GLY A 36 -10.30 -25.17 2.78
C GLY A 36 -10.09 -26.55 3.43
N ARG A 37 -10.09 -27.58 2.61
CA ARG A 37 -9.83 -28.93 3.07
C ARG A 37 -8.43 -28.98 3.60
N ALA A 38 -7.49 -28.40 2.86
CA ALA A 38 -6.08 -28.49 3.30
C ALA A 38 -5.88 -27.78 4.64
N ILE A 39 -6.58 -26.66 4.83
CA ILE A 39 -6.55 -25.96 6.11
C ILE A 39 -7.23 -26.78 7.26
N ALA A 40 -8.38 -27.36 6.96
CA ALA A 40 -9.02 -28.21 8.02
C ALA A 40 -8.15 -29.42 8.36
N VAL A 41 -7.51 -30.00 7.34
CA VAL A 41 -6.60 -31.17 7.58
C VAL A 41 -5.45 -30.76 8.45
N LYS A 42 -4.85 -29.62 8.10
CA LYS A 42 -3.70 -29.16 8.85
C LYS A 42 -4.07 -28.72 10.29
N LEU A 43 -5.21 -28.06 10.45
CA LEU A 43 -5.62 -27.70 11.81
C LEU A 43 -5.87 -29.01 12.61
N HIS A 44 -6.53 -29.97 11.97
CA HIS A 44 -6.77 -31.26 12.63
C HIS A 44 -5.43 -31.97 12.99
N GLN A 45 -4.48 -32.02 12.06
CA GLN A 45 -3.09 -32.53 12.39
C GLN A 45 -2.36 -31.81 13.56
N THR A 46 -2.69 -30.54 13.78
CA THR A 46 -2.15 -29.69 14.87
C THR A 46 -2.89 -29.91 16.18
N GLY A 47 -3.98 -30.67 16.12
CA GLY A 47 -4.72 -31.03 17.29
C GLY A 47 -6.06 -30.36 17.45
N TYR A 48 -6.54 -29.63 16.44
CA TYR A 48 -7.85 -29.02 16.53
C TYR A 48 -8.95 -29.98 16.22
N ARG A 49 -10.10 -29.73 16.86
CA ARG A 49 -11.41 -30.25 16.44
C ARG A 49 -11.97 -29.28 15.40
N VAL A 50 -12.58 -29.82 14.36
CA VAL A 50 -12.94 -28.98 13.19
C VAL A 50 -14.42 -29.07 12.79
N VAL A 51 -15.01 -27.91 12.48
CA VAL A 51 -16.26 -27.90 11.74
C VAL A 51 -15.94 -27.73 10.27
N ILE A 52 -16.33 -28.71 9.46
CA ILE A 52 -16.19 -28.61 8.04
C ILE A 52 -17.48 -28.03 7.44
N HIS A 53 -17.47 -26.73 7.16
CA HIS A 53 -18.60 -26.11 6.54
C HIS A 53 -18.53 -26.44 5.02
N TYR A 54 -19.69 -26.71 4.42
CA TYR A 54 -19.79 -26.83 2.97
C TYR A 54 -21.13 -26.26 2.49
N HIS A 55 -21.25 -26.11 1.19
CA HIS A 55 -22.49 -25.61 0.60
C HIS A 55 -23.09 -26.75 -0.25
N ASN A 56 -22.50 -27.01 -1.42
CA ASN A 56 -22.98 -28.09 -2.32
C ASN A 56 -22.19 -29.39 -2.18
N SER A 57 -20.96 -29.33 -1.69
CA SER A 57 -20.02 -30.47 -1.75
C SER A 57 -20.24 -31.42 -0.56
N ALA A 58 -21.47 -31.92 -0.43
CA ALA A 58 -21.88 -32.78 0.67
C ALA A 58 -21.06 -34.06 0.74
N GLU A 59 -20.89 -34.73 -0.40
CA GLU A 59 -20.17 -36.02 -0.40
C GLU A 59 -18.70 -35.79 0.00
N ALA A 60 -18.05 -34.77 -0.57
CA ALA A 60 -16.65 -34.47 -0.25
C ALA A 60 -16.44 -34.06 1.24
N ALA A 61 -17.38 -33.27 1.79
CA ALA A 61 -17.40 -32.88 3.21
C ALA A 61 -17.51 -34.05 4.22
N VAL A 62 -18.46 -34.93 3.95
CA VAL A 62 -18.72 -36.06 4.85
C VAL A 62 -17.56 -37.06 4.75
N SER A 63 -17.06 -37.26 3.54
CA SER A 63 -15.83 -38.03 3.30
C SER A 63 -14.65 -37.55 4.12
N LEU A 64 -14.43 -36.22 4.11
CA LEU A 64 -13.32 -35.62 4.88
C LEU A 64 -13.52 -35.82 6.35
N ALA A 65 -14.76 -35.59 6.82
CA ALA A 65 -15.09 -35.70 8.22
C ALA A 65 -14.86 -37.14 8.69
N ASP A 66 -15.30 -38.12 7.87
CA ASP A 66 -14.97 -39.56 8.08
C ASP A 66 -13.48 -39.82 8.22
N GLU A 67 -12.67 -39.33 7.26
CA GLU A 67 -11.20 -39.47 7.32
C GLU A 67 -10.61 -38.92 8.63
N LEU A 68 -11.09 -37.75 9.09
CA LEU A 68 -10.54 -37.15 10.31
C LEU A 68 -10.98 -37.84 11.57
N ASN A 69 -12.23 -38.30 11.57
CA ASN A 69 -12.82 -38.97 12.71
C ASN A 69 -12.21 -40.37 12.92
N LYS A 70 -11.74 -40.99 11.84
CA LYS A 70 -11.08 -42.30 11.92
C LYS A 70 -9.66 -42.12 12.48
N GLU A 71 -9.12 -40.91 12.34
CA GLU A 71 -7.84 -40.57 12.89
C GLU A 71 -7.97 -40.26 14.39
N ARG A 72 -9.05 -39.57 14.79
CA ARG A 72 -9.40 -39.39 16.21
C ARG A 72 -10.90 -39.24 16.24
N SER A 73 -11.58 -40.20 16.86
CA SER A 73 -13.03 -40.15 16.93
C SER A 73 -13.59 -38.88 17.62
N ASN A 74 -14.75 -38.45 17.12
CA ASN A 74 -15.44 -37.22 17.56
C ASN A 74 -14.59 -35.93 17.43
N THR A 75 -13.80 -35.85 16.35
CA THR A 75 -13.03 -34.58 16.19
C THR A 75 -13.42 -33.76 14.94
N ALA A 76 -14.32 -34.27 14.09
CA ALA A 76 -14.81 -33.54 12.89
C ALA A 76 -16.32 -33.66 12.71
N VAL A 77 -16.98 -32.53 12.44
CA VAL A 77 -18.39 -32.52 12.07
C VAL A 77 -18.53 -31.65 10.84
N VAL A 78 -19.59 -31.87 10.08
CA VAL A 78 -19.89 -31.05 8.93
C VAL A 78 -21.00 -30.07 9.25
N CYS A 79 -21.11 -28.99 8.47
CA CYS A 79 -22.19 -28.03 8.65
C CYS A 79 -22.54 -27.38 7.32
N GLN A 80 -23.79 -27.55 6.86
CA GLN A 80 -24.15 -27.07 5.53
C GLN A 80 -24.72 -25.67 5.66
N ALA A 81 -24.34 -24.77 4.73
CA ALA A 81 -24.88 -23.41 4.67
C ALA A 81 -24.54 -22.73 3.33
N ASP A 82 -25.52 -21.99 2.81
CA ASP A 82 -25.38 -21.20 1.61
C ASP A 82 -24.99 -19.82 2.17
N LEU A 83 -23.83 -19.32 1.75
CA LEU A 83 -23.29 -18.06 2.27
C LEU A 83 -23.55 -16.87 1.37
N THR A 84 -24.38 -17.07 0.35
CA THR A 84 -24.93 -15.97 -0.45
C THR A 84 -25.61 -14.92 0.51
N ASN A 85 -25.45 -13.61 0.27
CA ASN A 85 -26.19 -12.59 1.06
C ASN A 85 -27.73 -12.68 0.89
N SER A 86 -28.43 -12.72 2.02
CA SER A 86 -29.88 -12.62 2.02
C SER A 86 -30.29 -12.17 3.40
N ASN A 87 -31.60 -12.01 3.60
CA ASN A 87 -32.06 -11.65 4.96
C ASN A 87 -31.87 -12.79 5.99
N VAL A 88 -31.66 -14.02 5.54
CA VAL A 88 -31.32 -15.12 6.49
C VAL A 88 -29.81 -15.47 6.67
N LEU A 89 -28.96 -14.78 5.95
CA LEU A 89 -27.53 -14.99 6.10
C LEU A 89 -27.07 -14.82 7.54
N PRO A 90 -27.57 -13.83 8.29
CA PRO A 90 -27.11 -13.76 9.69
C PRO A 90 -27.42 -15.01 10.50
N ALA A 91 -28.62 -15.53 10.32
CA ALA A 91 -28.95 -16.75 11.06
C ALA A 91 -28.10 -17.92 10.65
N SER A 92 -27.81 -18.05 9.34
CA SER A 92 -26.92 -19.10 8.88
C SER A 92 -25.51 -18.98 9.46
N CYS A 93 -24.99 -17.73 9.51
CA CYS A 93 -23.68 -17.51 10.14
C CYS A 93 -23.70 -17.81 11.63
N GLU A 94 -24.70 -17.29 12.33
CA GLU A 94 -24.92 -17.66 13.74
C GLU A 94 -24.98 -19.19 13.93
N GLU A 95 -25.59 -19.92 12.99
CA GLU A 95 -25.72 -21.38 13.10
C GLU A 95 -24.42 -22.15 12.88
N ILE A 96 -23.57 -21.65 11.97
CA ILE A 96 -22.25 -22.25 11.77
C ILE A 96 -21.44 -22.16 13.06
N ILE A 97 -21.38 -20.98 13.65
CA ILE A 97 -20.64 -20.85 14.90
C ILE A 97 -21.28 -21.74 16.00
N ASN A 98 -22.60 -21.69 16.13
CA ASN A 98 -23.30 -22.57 17.11
C ASN A 98 -22.97 -24.02 16.93
N SER A 99 -22.82 -24.47 15.68
CA SER A 99 -22.46 -25.86 15.41
CA SER A 99 -22.46 -25.86 15.39
C SER A 99 -21.14 -26.26 16.03
N CYS A 100 -20.18 -25.32 16.04
CA CYS A 100 -18.89 -25.55 16.68
C CYS A 100 -19.08 -25.70 18.20
N PHE A 101 -19.79 -24.75 18.80
CA PHE A 101 -20.10 -24.86 20.23
C PHE A 101 -20.96 -26.11 20.56
N ARG A 102 -21.88 -26.53 19.68
CA ARG A 102 -22.68 -27.76 19.96
C ARG A 102 -21.87 -29.06 19.90
N ALA A 103 -20.98 -29.15 18.91
CA ALA A 103 -20.12 -30.30 18.80
C ALA A 103 -19.03 -30.30 19.83
N PHE A 104 -18.44 -29.15 20.12
CA PHE A 104 -17.13 -29.12 20.83
C PHE A 104 -17.03 -28.32 22.07
N GLY A 105 -18.04 -27.51 22.37
CA GLY A 105 -18.07 -26.76 23.65
C GLY A 105 -17.29 -25.47 23.61
N ARG A 106 -16.76 -25.14 22.43
CA ARG A 106 -15.81 -23.98 22.28
C ARG A 106 -15.60 -23.71 20.78
N CYS A 107 -15.10 -22.52 20.49
CA CYS A 107 -14.77 -22.14 19.14
C CYS A 107 -13.61 -21.17 19.27
N ASP A 108 -12.43 -21.71 18.94
CA ASP A 108 -11.18 -20.99 19.15
C ASP A 108 -10.73 -20.22 17.91
N VAL A 109 -11.03 -20.77 16.73
CA VAL A 109 -10.50 -20.23 15.46
C VAL A 109 -11.61 -20.26 14.41
N LEU A 110 -11.69 -19.21 13.62
CA LEU A 110 -12.56 -19.14 12.44
C LEU A 110 -11.70 -18.90 11.23
N VAL A 111 -11.84 -19.70 10.18
CA VAL A 111 -11.09 -19.45 8.95
C VAL A 111 -12.19 -19.14 7.89
N ASN A 112 -12.20 -17.91 7.37
CA ASN A 112 -13.17 -17.52 6.34
C ASN A 112 -12.51 -17.80 5.00
N ASN A 113 -12.83 -18.98 4.47
CA ASN A 113 -12.21 -19.55 3.28
C ASN A 113 -13.18 -19.64 2.08
N ALA A 114 -14.48 -19.87 2.32
CA ALA A 114 -15.45 -20.02 1.21
C ALA A 114 -15.47 -18.77 0.33
N SER A 115 -15.60 -18.96 -0.98
N SER A 115 -15.64 -18.97 -0.97
CA SER A 115 -15.54 -17.86 -1.88
CA SER A 115 -15.64 -17.85 -1.87
C SER A 115 -16.23 -18.21 -3.23
C SER A 115 -16.27 -18.23 -3.19
N ALA A 116 -17.04 -17.29 -3.73
CA ALA A 116 -17.53 -17.37 -5.09
C ALA A 116 -16.53 -16.59 -5.93
N PHE A 117 -16.26 -17.07 -7.16
CA PHE A 117 -15.27 -16.48 -8.02
C PHE A 117 -15.67 -16.64 -9.50
N TYR A 118 -16.06 -15.55 -10.15
CA TYR A 118 -16.44 -15.60 -11.57
C TYR A 118 -16.52 -14.17 -12.08
N PRO A 119 -16.41 -14.01 -13.42
CA PRO A 119 -16.43 -12.65 -13.98
C PRO A 119 -17.78 -11.97 -13.91
N THR A 120 -17.75 -10.63 -13.82
CA THR A 120 -18.95 -9.81 -13.87
C THR A 120 -18.54 -8.61 -14.73
N PRO A 121 -18.52 -8.80 -16.07
CA PRO A 121 -18.08 -7.69 -16.96
C PRO A 121 -18.90 -6.42 -16.80
N LEU A 122 -18.24 -5.27 -16.87
CA LEU A 122 -18.98 -4.01 -16.73
C LEU A 122 -19.72 -3.59 -18.00
N VAL A 123 -19.29 -4.13 -19.14
CA VAL A 123 -19.93 -3.85 -20.44
C VAL A 123 -20.34 -5.15 -21.13
N LYS A 134 -27.72 -15.58 -14.31
CA LYS A 134 -27.74 -14.89 -13.02
C LYS A 134 -28.03 -13.38 -13.17
N THR A 135 -28.97 -12.89 -12.37
CA THR A 135 -29.26 -11.44 -12.30
C THR A 135 -28.06 -10.76 -11.62
N VAL A 136 -27.86 -9.48 -11.90
CA VAL A 136 -26.75 -8.75 -11.29
C VAL A 136 -26.94 -8.83 -9.76
N GLU A 137 -28.19 -8.89 -9.31
CA GLU A 137 -28.42 -8.84 -7.88
C GLU A 137 -28.03 -10.17 -7.22
N THR A 138 -28.15 -11.26 -7.98
CA THR A 138 -27.65 -12.57 -7.52
C THR A 138 -26.11 -12.58 -7.51
N GLN A 139 -25.50 -11.99 -8.54
CA GLN A 139 -24.03 -11.89 -8.58
C GLN A 139 -23.50 -11.11 -7.36
N VAL A 140 -24.15 -9.98 -7.06
CA VAL A 140 -23.78 -9.20 -5.86
C VAL A 140 -23.90 -10.04 -4.57
N ALA A 141 -25.03 -10.70 -4.40
CA ALA A 141 -25.22 -11.51 -3.24
C ALA A 141 -24.20 -12.65 -3.05
N GLU A 142 -23.81 -13.33 -4.13
CA GLU A 142 -22.85 -14.42 -4.02
C GLU A 142 -21.44 -13.87 -3.86
N LEU A 143 -21.09 -12.92 -4.72
CA LEU A 143 -19.69 -12.46 -4.75
C LEU A 143 -19.36 -11.57 -3.59
N ILE A 144 -20.28 -10.69 -3.18
CA ILE A 144 -20.08 -9.86 -1.97
C ILE A 144 -20.50 -10.63 -0.75
N GLY A 145 -21.59 -11.42 -0.86
CA GLY A 145 -22.01 -12.23 0.27
C GLY A 145 -20.94 -13.19 0.76
N THR A 146 -20.45 -14.06 -0.12
CA THR A 146 -19.51 -15.11 0.34
C THR A 146 -18.21 -14.47 0.72
N ASN A 147 -17.77 -13.46 -0.03
CA ASN A 147 -16.38 -12.98 0.17
C ASN A 147 -16.19 -11.98 1.30
N ALA A 148 -17.28 -11.36 1.70
CA ALA A 148 -17.23 -10.23 2.61
C ALA A 148 -18.34 -10.20 3.64
N ILE A 149 -19.62 -10.29 3.24
CA ILE A 149 -20.67 -10.12 4.25
CA ILE A 149 -20.69 -10.14 4.21
C ILE A 149 -20.71 -11.33 5.19
N ALA A 150 -20.61 -12.54 4.64
CA ALA A 150 -20.60 -13.76 5.50
C ALA A 150 -19.38 -13.75 6.46
N PRO A 151 -18.16 -13.40 5.96
CA PRO A 151 -17.08 -13.25 6.96
C PRO A 151 -17.40 -12.22 8.03
N PHE A 152 -18.11 -11.14 7.66
CA PHE A 152 -18.45 -10.09 8.68
C PHE A 152 -19.40 -10.70 9.71
N LEU A 153 -20.41 -11.43 9.22
CA LEU A 153 -21.39 -11.99 10.13
C LEU A 153 -20.83 -13.11 10.98
N LEU A 154 -20.02 -13.95 10.34
CA LEU A 154 -19.31 -15.03 11.11
C LEU A 154 -18.43 -14.43 12.18
N THR A 155 -17.74 -13.33 11.84
CA THR A 155 -16.87 -12.66 12.78
C THR A 155 -17.68 -12.12 13.96
N MET A 156 -18.81 -11.47 13.66
CA MET A 156 -19.76 -10.98 14.68
CA MET A 156 -19.69 -10.96 14.72
C MET A 156 -20.21 -12.12 15.63
N SER A 157 -20.72 -13.19 15.02
CA SER A 157 -21.17 -14.36 15.78
C SER A 157 -20.06 -15.03 16.58
N PHE A 158 -18.87 -15.16 15.96
CA PHE A 158 -17.72 -15.76 16.66
C PHE A 158 -17.37 -14.92 17.86
N ALA A 159 -17.31 -13.59 17.70
CA ALA A 159 -16.99 -12.71 18.84
C ALA A 159 -18.07 -12.68 19.91
N GLN A 160 -19.34 -12.65 19.50
CA GLN A 160 -20.43 -12.57 20.48
C GLN A 160 -20.55 -13.84 21.29
N ARG A 161 -20.28 -14.99 20.69
CA ARG A 161 -20.33 -16.26 21.44
C ARG A 161 -19.18 -16.49 22.41
N GLN A 162 -18.13 -15.66 22.38
CA GLN A 162 -17.08 -15.70 23.38
C GLN A 162 -17.52 -14.93 24.60
N SER A 172 -5.81 -19.38 26.41
CA SER A 172 -6.70 -19.23 25.26
C SER A 172 -6.02 -18.38 24.16
N ASN A 173 -6.23 -18.83 22.92
CA ASN A 173 -5.58 -18.19 21.81
C ASN A 173 -6.64 -18.09 20.71
N LEU A 174 -7.49 -17.06 20.81
CA LEU A 174 -8.59 -16.88 19.85
C LEU A 174 -8.15 -16.13 18.61
N SER A 175 -8.40 -16.66 17.41
CA SER A 175 -8.19 -15.80 16.21
C SER A 175 -9.07 -16.14 15.02
N ILE A 176 -9.01 -15.25 14.04
CA ILE A 176 -9.72 -15.37 12.78
C ILE A 176 -8.71 -15.21 11.67
N VAL A 177 -8.84 -16.03 10.62
CA VAL A 177 -7.96 -15.87 9.46
C VAL A 177 -8.88 -15.77 8.23
N ASN A 178 -8.70 -14.70 7.46
CA ASN A 178 -9.49 -14.47 6.26
C ASN A 178 -8.63 -14.81 5.07
N LEU A 179 -9.20 -15.60 4.15
CA LEU A 179 -8.49 -15.91 2.89
C LEU A 179 -8.75 -14.76 1.90
N CYS A 180 -7.68 -14.03 1.64
CA CYS A 180 -7.70 -12.77 0.91
C CYS A 180 -7.17 -13.09 -0.52
N ASP A 181 -6.56 -12.12 -1.22
CA ASP A 181 -6.10 -12.32 -2.58
C ASP A 181 -4.88 -11.38 -2.78
N ALA A 182 -3.73 -11.96 -3.14
CA ALA A 182 -2.50 -11.17 -3.22
C ALA A 182 -2.56 -10.23 -4.41
N MET A 183 -3.43 -10.55 -5.37
CA MET A 183 -3.52 -9.70 -6.56
C MET A 183 -4.67 -8.70 -6.47
N VAL A 184 -5.17 -8.40 -5.27
CA VAL A 184 -6.28 -7.45 -5.13
C VAL A 184 -6.07 -6.14 -5.91
N ASP A 185 -4.85 -5.63 -5.90
CA ASP A 185 -4.51 -4.36 -6.57
C ASP A 185 -4.07 -4.45 -8.01
N GLN A 186 -3.96 -5.67 -8.54
CA GLN A 186 -3.68 -5.80 -9.96
C GLN A 186 -4.71 -6.81 -10.45
N PRO A 187 -5.99 -6.41 -10.48
CA PRO A 187 -7.08 -7.43 -10.59
C PRO A 187 -7.17 -8.00 -12.02
N CSX A 188 -7.75 -9.19 -12.14
CA CSX A 188 -8.12 -9.87 -13.40
CB CSX A 188 -8.73 -11.22 -13.00
SG CSX A 188 -7.56 -12.46 -12.35
C CSX A 188 -9.16 -8.98 -14.05
O CSX A 188 -10.04 -8.48 -13.37
OD CSX A 188 -6.64 -12.75 -13.51
N MET A 189 -9.08 -8.77 -15.35
CA MET A 189 -10.03 -7.87 -16.03
C MET A 189 -11.42 -8.54 -15.99
N ALA A 190 -12.46 -7.73 -15.83
CA ALA A 190 -13.87 -8.17 -15.78
C ALA A 190 -14.29 -8.92 -14.49
N PHE A 191 -13.48 -8.77 -13.45
CA PHE A 191 -13.75 -9.34 -12.12
C PHE A 191 -14.09 -8.28 -11.05
N SER A 192 -14.77 -7.18 -11.42
CA SER A 192 -15.00 -6.09 -10.45
CA SER A 192 -15.08 -6.07 -10.49
C SER A 192 -15.71 -6.52 -9.17
N LEU A 193 -16.79 -7.29 -9.24
CA LEU A 193 -17.48 -7.66 -7.99
C LEU A 193 -16.67 -8.57 -7.09
N TYR A 194 -15.97 -9.55 -7.67
CA TYR A 194 -15.11 -10.40 -6.90
C TYR A 194 -14.02 -9.53 -6.27
N ASN A 195 -13.44 -8.63 -7.06
CA ASN A 195 -12.35 -7.76 -6.51
C ASN A 195 -12.86 -6.84 -5.39
N MET A 196 -14.08 -6.30 -5.59
CA MET A 196 -14.71 -5.49 -4.55
C MET A 196 -14.91 -6.27 -3.25
N GLY A 197 -15.35 -7.53 -3.38
CA GLY A 197 -15.56 -8.44 -2.22
C GLY A 197 -14.26 -8.69 -1.48
N LYS A 198 -13.17 -8.94 -2.21
CA LYS A 198 -11.88 -9.22 -1.56
C LYS A 198 -11.28 -7.96 -0.93
N HIS A 199 -11.49 -6.79 -1.57
CA HIS A 199 -11.08 -5.55 -0.92
C HIS A 199 -11.86 -5.34 0.32
N ALA A 200 -13.15 -5.65 0.29
CA ALA A 200 -13.94 -5.41 1.49
C ALA A 200 -13.47 -6.31 2.61
N LEU A 201 -12.99 -7.48 2.22
CA LEU A 201 -12.46 -8.46 3.17
C LEU A 201 -11.15 -7.97 3.80
N VAL A 202 -10.35 -7.24 3.02
CA VAL A 202 -9.15 -6.58 3.62
C VAL A 202 -9.65 -5.59 4.70
N GLY A 203 -10.64 -4.78 4.34
CA GLY A 203 -11.26 -3.85 5.27
C GLY A 203 -11.72 -4.48 6.55
N LEU A 204 -12.45 -5.60 6.41
CA LEU A 204 -12.97 -6.35 7.56
C LEU A 204 -11.80 -6.80 8.40
N THR A 205 -10.79 -7.38 7.76
CA THR A 205 -9.62 -7.90 8.47
C THR A 205 -9.02 -6.82 9.38
N GLN A 206 -8.83 -5.60 8.84
CA GLN A 206 -8.26 -4.50 9.57
C GLN A 206 -9.20 -3.94 10.64
N SER A 207 -10.46 -3.69 10.25
CA SER A 207 -11.49 -3.23 11.20
C SER A 207 -11.71 -4.16 12.38
N ALA A 208 -11.83 -5.46 12.11
CA ALA A 208 -12.12 -6.46 13.15
C ALA A 208 -10.87 -6.68 13.98
N ALA A 209 -9.67 -6.63 13.37
CA ALA A 209 -8.46 -6.70 14.20
C ALA A 209 -8.49 -5.56 15.21
N LEU A 210 -8.74 -4.34 14.74
CA LEU A 210 -8.79 -3.17 15.65
C LEU A 210 -9.81 -3.33 16.79
N GLU A 211 -11.06 -3.60 16.39
CA GLU A 211 -12.17 -3.71 17.33
C GLU A 211 -12.06 -4.91 18.28
N LEU A 212 -11.56 -6.05 17.81
CA LEU A 212 -11.59 -7.28 18.64
C LEU A 212 -10.34 -7.48 19.46
N ALA A 213 -9.29 -6.70 19.14
CA ALA A 213 -8.02 -6.76 19.91
C ALA A 213 -8.28 -6.67 21.44
N PRO A 214 -9.09 -5.69 21.91
CA PRO A 214 -9.31 -5.65 23.38
C PRO A 214 -9.98 -6.92 23.98
N TYR A 215 -10.59 -7.79 23.17
CA TYR A 215 -11.20 -9.04 23.64
C TYR A 215 -10.26 -10.21 23.42
N GLY A 216 -9.00 -9.89 23.03
CA GLY A 216 -7.99 -10.90 22.82
C GLY A 216 -8.23 -11.76 21.59
N ILE A 217 -9.03 -11.28 20.64
CA ILE A 217 -9.22 -12.03 19.39
C ILE A 217 -8.33 -11.39 18.31
N ARG A 218 -7.41 -12.16 17.71
CA ARG A 218 -6.57 -11.60 16.62
C ARG A 218 -7.30 -11.85 15.31
N VAL A 219 -7.13 -10.96 14.32
CA VAL A 219 -7.72 -11.12 12.99
C VAL A 219 -6.66 -10.84 11.98
N ASN A 220 -6.35 -11.86 11.18
CA ASN A 220 -5.29 -11.77 10.17
C ASN A 220 -5.80 -12.32 8.85
N GLY A 221 -5.00 -12.16 7.83
CA GLY A 221 -5.33 -12.73 6.55
C GLY A 221 -4.20 -13.47 5.88
N VAL A 222 -4.56 -14.35 4.94
CA VAL A 222 -3.60 -15.02 4.09
C VAL A 222 -4.01 -14.76 2.69
N ALA A 223 -3.08 -14.27 1.86
CA ALA A 223 -3.42 -13.81 0.50
C ALA A 223 -2.66 -14.67 -0.54
N PRO A 224 -3.32 -15.74 -1.09
CA PRO A 224 -2.67 -16.53 -2.20
C PRO A 224 -2.54 -15.69 -3.46
N GLY A 225 -1.52 -15.96 -4.26
CA GLY A 225 -1.46 -15.41 -5.64
C GLY A 225 -2.19 -16.43 -6.47
N VAL A 226 -1.44 -17.26 -7.19
CA VAL A 226 -2.09 -18.43 -7.80
C VAL A 226 -1.80 -19.65 -6.99
N SER A 227 -2.85 -20.34 -6.60
CA SER A 227 -2.72 -21.60 -5.93
C SER A 227 -3.48 -22.57 -6.79
N LEU A 228 -4.24 -23.49 -6.20
CA LEU A 228 -4.95 -24.50 -7.03
C LEU A 228 -5.77 -23.77 -8.06
N LEU A 229 -5.47 -24.08 -9.33
CA LEU A 229 -6.12 -23.42 -10.42
C LEU A 229 -7.54 -24.00 -10.58
N PRO A 230 -8.41 -23.28 -11.33
CA PRO A 230 -9.79 -23.77 -11.45
C PRO A 230 -9.85 -25.16 -12.14
N VAL A 231 -10.72 -26.04 -11.61
CA VAL A 231 -10.86 -27.39 -12.14
C VAL A 231 -11.20 -27.28 -13.64
N ALA A 232 -12.08 -26.34 -14.00
CA ALA A 232 -12.46 -26.10 -15.41
C ALA A 232 -11.37 -25.46 -16.29
N MET A 233 -10.22 -25.08 -15.72
CA MET A 233 -9.21 -24.38 -16.51
C MET A 233 -8.36 -25.39 -17.27
N GLY A 234 -8.16 -25.18 -18.57
CA GLY A 234 -7.35 -26.07 -19.39
C GLY A 234 -5.88 -25.90 -19.04
N GLU A 235 -5.11 -26.98 -19.24
CA GLU A 235 -3.70 -27.05 -18.87
C GLU A 235 -2.85 -25.94 -19.45
N GLU A 236 -3.10 -25.63 -20.73
CA GLU A 236 -2.41 -24.56 -21.41
C GLU A 236 -2.62 -23.20 -20.67
N GLU A 237 -3.86 -22.93 -20.24
CA GLU A 237 -4.17 -21.69 -19.48
C GLU A 237 -3.45 -21.72 -18.12
N LYS A 238 -3.53 -22.87 -17.42
CA LYS A 238 -2.79 -23.13 -16.16
C LYS A 238 -1.31 -22.78 -16.31
N ASP A 239 -0.69 -23.28 -17.38
CA ASP A 239 0.73 -23.06 -17.58
C ASP A 239 1.09 -21.60 -17.88
N LYS A 240 0.20 -20.87 -18.53
CA LYS A 240 0.41 -19.41 -18.72
C LYS A 240 0.60 -18.69 -17.35
N TRP A 241 -0.22 -19.07 -16.37
CA TRP A 241 -0.17 -18.47 -15.06
C TRP A 241 1.05 -18.93 -14.26
N ARG A 242 1.24 -20.25 -14.23
CA ARG A 242 2.43 -20.85 -13.68
C ARG A 242 3.68 -20.14 -14.11
N ARG A 243 3.79 -19.81 -15.39
CA ARG A 243 5.00 -19.21 -15.95
C ARG A 243 5.28 -17.78 -15.42
N LYS A 244 4.28 -17.15 -14.87
CA LYS A 244 4.44 -15.79 -14.37
C LYS A 244 5.04 -15.75 -12.95
N VAL A 245 5.06 -16.88 -12.23
CA VAL A 245 5.43 -16.89 -10.79
C VAL A 245 6.95 -16.91 -10.67
N PRO A 246 7.54 -15.89 -10.05
CA PRO A 246 9.04 -15.88 -9.92
C PRO A 246 9.59 -17.07 -9.14
N LEU A 247 8.99 -17.39 -8.00
CA LEU A 247 9.48 -18.47 -7.19
C LEU A 247 9.02 -19.85 -7.75
N GLY A 248 9.78 -20.37 -8.73
CA GLY A 248 9.62 -21.77 -9.13
C GLY A 248 8.61 -21.95 -10.24
N ARG A 249 8.03 -20.86 -10.74
CA ARG A 249 7.13 -20.93 -11.93
C ARG A 249 6.02 -21.96 -11.74
N ARG A 250 5.40 -21.95 -10.58
CA ARG A 250 4.33 -22.92 -10.31
C ARG A 250 3.41 -22.27 -9.29
N GLU A 251 2.17 -22.78 -9.23
CA GLU A 251 1.18 -22.34 -8.28
C GLU A 251 1.53 -22.83 -6.88
N ALA A 252 1.06 -22.12 -5.83
CA ALA A 252 1.15 -22.63 -4.45
C ALA A 252 0.36 -23.94 -4.29
N SER A 253 0.88 -24.89 -3.53
CA SER A 253 0.08 -26.06 -3.16
C SER A 253 -0.95 -25.62 -2.14
N ALA A 254 -2.02 -26.40 -2.00
CA ALA A 254 -2.97 -26.09 -0.92
C ALA A 254 -2.30 -26.12 0.42
N GLU A 255 -1.35 -27.06 0.62
CA GLU A 255 -0.66 -27.15 1.90
C GLU A 255 0.15 -25.86 2.19
N GLN A 256 0.72 -25.28 1.14
CA GLN A 256 1.53 -24.04 1.32
C GLN A 256 0.64 -22.88 1.84
N ILE A 257 -0.57 -22.79 1.30
CA ILE A 257 -1.57 -21.83 1.87
C ILE A 257 -1.87 -22.12 3.32
N ALA A 258 -2.13 -23.40 3.61
CA ALA A 258 -2.56 -23.80 4.93
C ALA A 258 -1.48 -23.54 5.95
N ASP A 259 -0.23 -23.74 5.53
CA ASP A 259 0.90 -23.42 6.42
C ASP A 259 0.86 -22.01 6.97
N ALA A 260 0.53 -21.03 6.15
CA ALA A 260 0.48 -19.67 6.63
C ALA A 260 -0.70 -19.47 7.60
N VAL A 261 -1.83 -20.14 7.33
CA VAL A 261 -2.97 -20.11 8.27
C VAL A 261 -2.56 -20.68 9.65
N ILE A 262 -1.89 -21.83 9.62
CA ILE A 262 -1.43 -22.49 10.84
C ILE A 262 -0.51 -21.59 11.61
N PHE A 263 0.45 -20.92 10.92
CA PHE A 263 1.29 -19.95 11.64
C PHE A 263 0.45 -18.90 12.36
N LEU A 264 -0.50 -18.32 11.62
CA LEU A 264 -1.27 -17.19 12.15
C LEU A 264 -2.12 -17.53 13.38
N VAL A 265 -2.59 -18.78 13.44
CA VAL A 265 -3.39 -19.20 14.59
C VAL A 265 -2.54 -19.65 15.79
N SER A 266 -1.26 -19.91 15.53
CA SER A 266 -0.36 -20.48 16.52
C SER A 266 0.10 -19.50 17.54
N GLY A 267 0.67 -20.03 18.64
CA GLY A 267 1.34 -19.21 19.69
C GLY A 267 2.53 -18.40 19.15
N SER A 268 3.06 -18.77 17.99
CA SER A 268 4.16 -18.02 17.37
C SER A 268 3.72 -16.72 16.68
N ALA A 269 2.39 -16.48 16.60
CA ALA A 269 1.83 -15.22 16.03
C ALA A 269 1.00 -14.47 17.04
N GLN A 270 1.32 -14.68 18.33
CA GLN A 270 0.54 -14.03 19.41
C GLN A 270 0.48 -12.51 19.43
N TYR A 271 1.44 -11.84 18.83
CA TYR A 271 1.38 -10.39 18.76
C TYR A 271 0.87 -9.90 17.39
N ILE A 272 0.61 -10.81 16.47
CA ILE A 272 0.21 -10.46 15.07
C ILE A 272 -1.30 -10.31 14.98
N THR A 273 -1.73 -9.08 14.67
CA THR A 273 -3.15 -8.82 14.34
C THR A 273 -3.25 -7.73 13.29
N GLY A 274 -4.20 -7.88 12.39
CA GLY A 274 -4.37 -6.98 11.25
C GLY A 274 -3.34 -7.15 10.15
N SER A 275 -2.58 -8.26 10.18
CA SER A 275 -1.58 -8.58 9.14
C SER A 275 -2.15 -9.47 8.11
N ILE A 276 -1.80 -9.15 6.86
CA ILE A 276 -2.14 -10.01 5.73
C ILE A 276 -0.87 -10.55 5.12
N ILE A 277 -0.69 -11.86 5.20
CA ILE A 277 0.56 -12.47 4.68
C ILE A 277 0.30 -12.93 3.24
N LYS A 278 1.09 -12.41 2.29
CA LYS A 278 0.97 -12.90 0.90
C LYS A 278 1.66 -14.24 0.87
N VAL A 279 1.08 -15.20 0.16
CA VAL A 279 1.71 -16.51 -0.14
C VAL A 279 1.55 -16.66 -1.66
N ASP A 280 2.72 -15.62 -2.32
CA ASP A 280 2.39 -15.65 -3.74
C ASP A 280 3.54 -15.93 -4.70
N GLY A 281 4.55 -16.50 -4.08
CA GLY A 281 5.81 -16.80 -4.80
C GLY A 281 6.34 -15.59 -5.56
N GLY A 282 6.00 -14.37 -5.06
CA GLY A 282 6.39 -13.11 -5.74
C GLY A 282 5.52 -12.61 -6.89
N LEU A 283 4.40 -13.30 -7.19
CA LEU A 283 3.61 -12.97 -8.38
C LEU A 283 3.13 -11.50 -8.35
N SER A 284 2.71 -11.00 -7.19
CA SER A 284 2.24 -9.61 -7.08
C SER A 284 3.35 -8.57 -7.30
N LEU A 285 4.62 -8.99 -7.25
CA LEU A 285 5.76 -8.06 -7.57
C LEU A 285 6.08 -7.91 -9.06
N VAL A 286 5.44 -8.71 -9.90
CA VAL A 286 5.81 -8.79 -11.30
C VAL A 286 5.01 -7.78 -12.13
N HIS A 287 5.72 -6.89 -12.78
CA HIS A 287 4.98 -5.93 -13.67
C HIS A 287 4.39 -6.53 -14.92
N ALA A 288 3.54 -5.76 -15.59
CA ALA A 288 2.93 -6.16 -16.85
C ALA A 288 3.98 -6.51 -17.88
N GLU B 22 26.27 -30.16 7.61
CA GLU B 22 24.85 -30.61 7.62
C GLU B 22 23.88 -29.62 8.32
N ALA B 23 24.28 -28.97 9.41
CA ALA B 23 23.41 -27.95 10.02
C ALA B 23 23.50 -26.69 9.17
N PRO B 24 22.35 -26.04 8.94
CA PRO B 24 22.49 -24.79 8.22
C PRO B 24 23.14 -23.65 9.06
N ALA B 25 23.43 -22.55 8.35
CA ALA B 25 24.11 -21.44 8.99
C ALA B 25 23.39 -20.12 8.61
N ALA B 26 23.43 -19.19 9.56
CA ALA B 26 22.77 -17.90 9.41
C ALA B 26 23.66 -16.80 9.92
N VAL B 27 23.60 -15.68 9.20
CA VAL B 27 24.21 -14.41 9.63
C VAL B 27 23.09 -13.51 10.18
N VAL B 28 23.27 -13.02 11.39
CA VAL B 28 22.35 -12.01 11.95
C VAL B 28 23.17 -10.72 12.21
N THR B 29 22.80 -9.64 11.57
CA THR B 29 23.54 -8.39 11.84
C THR B 29 22.94 -7.70 13.10
N GLY B 30 23.80 -7.01 13.82
CA GLY B 30 23.44 -6.32 15.12
C GLY B 30 22.83 -7.33 16.10
N ALA B 31 23.48 -8.48 16.27
CA ALA B 31 22.93 -9.63 17.02
C ALA B 31 23.32 -9.71 18.50
N ALA B 32 24.08 -8.74 18.97
CA ALA B 32 24.56 -8.73 20.39
C ALA B 32 23.45 -8.53 21.41
N LYS B 33 22.45 -7.73 21.05
CA LYS B 33 21.46 -7.28 22.03
C LYS B 33 20.05 -7.34 21.44
N ARG B 34 19.06 -7.27 22.33
CA ARG B 34 17.67 -6.97 21.94
C ARG B 34 17.12 -7.86 20.83
N ILE B 35 16.58 -7.28 19.76
CA ILE B 35 15.87 -8.11 18.79
C ILE B 35 16.85 -9.05 18.07
N GLY B 36 17.99 -8.52 17.65
CA GLY B 36 18.98 -9.33 16.94
C GLY B 36 19.43 -10.51 17.79
N ARG B 37 19.60 -10.26 19.09
CA ARG B 37 19.99 -11.33 20.00
C ARG B 37 18.94 -12.45 20.04
N ALA B 38 17.68 -12.07 20.14
CA ALA B 38 16.59 -13.00 20.24
C ALA B 38 16.47 -13.80 18.96
N ILE B 39 16.67 -13.16 17.80
CA ILE B 39 16.73 -13.85 16.52
C ILE B 39 17.88 -14.88 16.45
N ALA B 40 19.07 -14.46 16.88
CA ALA B 40 20.18 -15.33 16.87
C ALA B 40 19.87 -16.55 17.77
N VAL B 41 19.36 -16.32 18.97
CA VAL B 41 19.01 -17.42 19.92
C VAL B 41 18.03 -18.41 19.30
N LYS B 42 16.95 -17.88 18.68
CA LYS B 42 15.90 -18.75 18.18
C LYS B 42 16.37 -19.49 16.96
N LEU B 43 17.20 -18.84 16.11
CA LEU B 43 17.81 -19.56 14.96
C LEU B 43 18.65 -20.71 15.53
N HIS B 44 19.42 -20.39 16.58
CA HIS B 44 20.34 -21.40 17.20
C HIS B 44 19.51 -22.55 17.77
N GLN B 45 18.48 -22.22 18.53
CA GLN B 45 17.54 -23.25 19.07
C GLN B 45 16.92 -24.11 17.97
N THR B 46 16.72 -23.54 16.78
CA THR B 46 16.10 -24.23 15.65
C THR B 46 17.08 -25.18 14.97
N GLY B 47 18.36 -25.05 15.28
CA GLY B 47 19.39 -25.94 14.71
C GLY B 47 20.43 -25.19 13.88
N TYR B 48 20.34 -23.84 13.82
CA TYR B 48 21.28 -23.12 12.99
C TYR B 48 22.60 -22.84 13.73
N ARG B 49 23.67 -22.85 12.94
CA ARG B 49 24.93 -22.23 13.39
C ARG B 49 24.80 -20.74 13.03
N VAL B 50 25.42 -19.88 13.84
CA VAL B 50 25.20 -18.46 13.68
C VAL B 50 26.48 -17.63 13.68
N VAL B 51 26.51 -16.65 12.80
CA VAL B 51 27.52 -15.54 12.88
C VAL B 51 26.79 -14.37 13.55
N ILE B 52 27.29 -14.00 14.72
CA ILE B 52 26.77 -12.91 15.49
C ILE B 52 27.54 -11.68 15.03
N HIS B 53 26.95 -10.82 14.16
CA HIS B 53 27.62 -9.60 13.78
C HIS B 53 27.35 -8.53 14.88
N TYR B 54 28.34 -7.72 15.18
CA TYR B 54 28.15 -6.61 16.13
C TYR B 54 29.02 -5.45 15.64
N HIS B 55 28.78 -4.29 16.22
CA HIS B 55 29.58 -3.12 15.84
C HIS B 55 30.39 -2.65 17.09
N ASN B 56 29.68 -2.13 18.09
CA ASN B 56 30.26 -1.68 19.32
C ASN B 56 30.07 -2.65 20.49
N SER B 57 29.15 -3.61 20.40
CA SER B 57 28.78 -4.34 21.60
C SER B 57 29.58 -5.65 21.67
N ALA B 58 30.91 -5.52 21.78
CA ALA B 58 31.80 -6.72 21.74
C ALA B 58 31.52 -7.71 22.89
N GLU B 59 31.38 -7.20 24.11
CA GLU B 59 31.31 -8.03 25.31
C GLU B 59 29.97 -8.79 25.25
N ALA B 60 28.90 -8.11 24.83
CA ALA B 60 27.60 -8.79 24.63
C ALA B 60 27.60 -9.82 23.49
N ALA B 61 28.26 -9.51 22.39
CA ALA B 61 28.29 -10.44 21.27
C ALA B 61 29.08 -11.70 21.69
N VAL B 62 30.21 -11.48 22.37
CA VAL B 62 31.05 -12.59 22.83
C VAL B 62 30.34 -13.43 23.87
N SER B 63 29.65 -12.78 24.82
CA SER B 63 28.88 -13.53 25.80
CA SER B 63 28.85 -13.51 25.80
C SER B 63 27.78 -14.38 25.13
N LEU B 64 27.14 -13.86 24.09
CA LEU B 64 26.12 -14.65 23.41
C LEU B 64 26.75 -15.89 22.72
N ALA B 65 27.88 -15.67 22.06
CA ALA B 65 28.57 -16.74 21.32
C ALA B 65 29.02 -17.80 22.32
N ASP B 66 29.56 -17.37 23.45
CA ASP B 66 29.91 -18.36 24.49
C ASP B 66 28.70 -19.14 24.98
N GLU B 67 27.60 -18.44 25.26
CA GLU B 67 26.38 -19.13 25.71
C GLU B 67 25.92 -20.18 24.66
N LEU B 68 25.87 -19.78 23.40
CA LEU B 68 25.48 -20.69 22.29
C LEU B 68 26.41 -21.91 22.11
N ASN B 69 27.72 -21.64 22.19
CA ASN B 69 28.74 -22.69 22.04
C ASN B 69 28.74 -23.66 23.22
N LYS B 70 28.31 -23.20 24.39
CA LYS B 70 28.17 -24.06 25.55
C LYS B 70 26.99 -25.03 25.31
N GLU B 71 25.96 -24.60 24.59
CA GLU B 71 24.87 -25.44 24.22
C GLU B 71 25.26 -26.47 23.18
N ARG B 72 26.00 -26.02 22.18
CA ARG B 72 26.48 -26.88 21.10
CA ARG B 72 26.46 -26.87 21.11
C ARG B 72 27.81 -26.35 20.63
N SER B 73 28.87 -27.11 20.85
CA SER B 73 30.23 -26.65 20.47
C SER B 73 30.33 -26.21 19.05
N ASN B 74 31.08 -25.13 18.84
CA ASN B 74 31.48 -24.69 17.49
CA ASN B 74 31.48 -24.60 17.51
C ASN B 74 30.29 -24.32 16.59
N THR B 75 29.27 -23.70 17.17
CA THR B 75 28.08 -23.32 16.41
C THR B 75 27.81 -21.81 16.34
N ALA B 76 28.69 -20.98 16.92
CA ALA B 76 28.49 -19.53 16.98
C ALA B 76 29.87 -18.89 16.88
N VAL B 77 29.97 -17.91 16.01
CA VAL B 77 31.18 -17.04 15.95
C VAL B 77 30.70 -15.59 15.95
N VAL B 78 31.54 -14.67 16.38
CA VAL B 78 31.26 -13.24 16.22
C VAL B 78 32.00 -12.59 15.03
N CYS B 79 31.42 -11.52 14.48
CA CYS B 79 32.06 -10.80 13.43
C CYS B 79 31.83 -9.34 13.63
N GLN B 80 32.90 -8.55 13.81
CA GLN B 80 32.74 -7.09 14.07
C GLN B 80 32.80 -6.30 12.73
N ALA B 81 31.89 -5.32 12.57
CA ALA B 81 31.92 -4.44 11.40
C ALA B 81 31.04 -3.27 11.63
N ASP B 82 31.48 -2.11 11.14
CA ASP B 82 30.70 -0.89 11.19
C ASP B 82 29.93 -0.91 9.87
N LEU B 83 28.62 -0.76 9.93
CA LEU B 83 27.78 -0.84 8.68
C LEU B 83 27.33 0.54 8.21
N THR B 84 27.97 1.57 8.75
CA THR B 84 27.84 2.93 8.20
C THR B 84 28.27 2.93 6.72
N ASN B 85 27.52 3.58 5.83
CA ASN B 85 28.02 3.73 4.44
C ASN B 85 29.39 4.47 4.34
N SER B 86 30.30 3.90 3.56
CA SER B 86 31.62 4.48 3.24
C SER B 86 32.19 3.67 2.05
N ASN B 87 33.33 4.06 1.49
N ASN B 87 33.37 4.08 1.59
CA ASN B 87 33.89 3.28 0.37
CA ASN B 87 34.12 3.40 0.51
C ASN B 87 34.39 1.89 0.83
C ASN B 87 34.44 1.96 0.84
N VAL B 88 34.52 1.65 2.15
CA VAL B 88 34.87 0.29 2.64
C VAL B 88 33.66 -0.61 2.97
N LEU B 89 32.45 -0.03 2.97
CA LEU B 89 31.24 -0.85 3.29
C LEU B 89 31.10 -2.13 2.44
N PRO B 90 31.26 -2.04 1.10
CA PRO B 90 31.14 -3.29 0.31
C PRO B 90 32.12 -4.37 0.79
N ALA B 91 33.36 -3.99 1.08
CA ALA B 91 34.30 -4.99 1.58
C ALA B 91 33.90 -5.53 2.97
N SER B 92 33.41 -4.65 3.85
CA SER B 92 32.88 -5.09 5.15
C SER B 92 31.75 -6.09 5.01
N CYS B 93 30.84 -5.81 4.09
CA CYS B 93 29.65 -6.68 3.92
C CYS B 93 30.07 -8.03 3.27
N GLU B 94 31.07 -8.00 2.40
CA GLU B 94 31.57 -9.23 1.79
C GLU B 94 32.26 -10.09 2.85
N GLU B 95 32.97 -9.44 3.79
CA GLU B 95 33.67 -10.11 4.85
C GLU B 95 32.69 -10.78 5.83
N ILE B 96 31.55 -10.15 6.08
CA ILE B 96 30.57 -10.77 6.98
C ILE B 96 30.06 -12.09 6.39
N ILE B 97 29.69 -12.04 5.12
CA ILE B 97 29.17 -13.24 4.46
C ILE B 97 30.31 -14.29 4.39
N ASN B 98 31.52 -13.82 4.01
CA ASN B 98 32.69 -14.72 3.93
C ASN B 98 32.92 -15.40 5.26
N SER B 99 32.76 -14.68 6.37
CA SER B 99 33.05 -15.27 7.68
C SER B 99 32.12 -16.45 7.95
N CYS B 100 30.87 -16.36 7.46
CA CYS B 100 29.92 -17.45 7.65
C CYS B 100 30.43 -18.71 6.89
N PHE B 101 30.87 -18.53 5.64
CA PHE B 101 31.42 -19.64 4.86
C PHE B 101 32.72 -20.16 5.47
N ARG B 102 33.58 -19.27 5.99
CA ARG B 102 34.86 -19.76 6.59
C ARG B 102 34.56 -20.58 7.86
N ALA B 103 33.62 -20.10 8.67
CA ALA B 103 33.26 -20.74 9.92
C ALA B 103 32.48 -22.04 9.69
N PHE B 104 31.54 -22.04 8.73
CA PHE B 104 30.52 -23.10 8.70
C PHE B 104 30.39 -23.80 7.37
N GLY B 105 31.08 -23.31 6.37
CA GLY B 105 31.08 -23.89 5.02
C GLY B 105 29.88 -23.64 4.16
N ARG B 106 28.96 -22.81 4.67
CA ARG B 106 27.69 -22.53 4.01
C ARG B 106 27.08 -21.29 4.70
N CYS B 107 26.11 -20.68 3.98
CA CYS B 107 25.34 -19.53 4.52
C CYS B 107 23.96 -19.66 3.94
N ASP B 108 23.03 -20.05 4.79
CA ASP B 108 21.67 -20.36 4.35
C ASP B 108 20.74 -19.21 4.54
N VAL B 109 21.00 -18.41 5.59
CA VAL B 109 20.03 -17.37 6.01
C VAL B 109 20.82 -16.08 6.32
N LEU B 110 20.32 -14.92 5.85
CA LEU B 110 20.84 -13.64 6.22
C LEU B 110 19.69 -12.89 6.88
N VAL B 111 19.92 -12.39 8.07
CA VAL B 111 18.93 -11.52 8.72
C VAL B 111 19.51 -10.12 8.81
N ASN B 112 18.92 -9.16 8.08
CA ASN B 112 19.35 -7.76 8.17
C ASN B 112 18.59 -7.08 9.27
N ASN B 113 19.21 -7.02 10.44
CA ASN B 113 18.60 -6.52 11.65
C ASN B 113 19.24 -5.22 12.16
N ALA B 114 20.53 -5.04 11.96
CA ALA B 114 21.27 -3.88 12.53
C ALA B 114 20.65 -2.58 12.01
N SER B 115 20.54 -1.61 12.90
N SER B 115 20.55 -1.58 12.87
CA SER B 115 19.84 -0.39 12.54
CA SER B 115 19.90 -0.36 12.45
C SER B 115 20.35 0.75 13.39
C SER B 115 20.25 0.76 13.37
N ALA B 116 20.54 1.92 12.77
CA ALA B 116 20.67 3.20 13.54
C ALA B 116 19.32 3.89 13.55
N PHE B 117 19.04 4.64 14.61
CA PHE B 117 17.72 5.15 14.79
C PHE B 117 17.85 6.37 15.65
N TYR B 118 17.56 7.54 15.09
CA TYR B 118 17.65 8.81 15.81
C TYR B 118 17.07 9.88 14.93
N PRO B 119 16.58 10.99 15.50
CA PRO B 119 15.92 11.99 14.68
C PRO B 119 16.91 12.83 13.87
N THR B 120 16.47 13.32 12.71
CA THR B 120 17.24 14.16 11.79
C THR B 120 16.27 15.30 11.31
N PRO B 121 15.98 16.27 12.20
CA PRO B 121 14.99 17.28 11.84
C PRO B 121 15.36 18.07 10.58
N LEU B 122 14.34 18.39 9.80
CA LEU B 122 14.54 19.12 8.54
C LEU B 122 14.82 20.60 8.83
N VAL B 123 14.35 21.10 9.98
CA VAL B 123 14.50 22.54 10.32
C VAL B 123 15.15 22.76 11.68
N LYS B 134 27.02 15.46 14.86
CA LYS B 134 27.21 14.76 13.59
C LYS B 134 26.84 15.64 12.42
N THR B 135 27.65 15.60 11.37
CA THR B 135 27.32 16.29 10.18
C THR B 135 26.14 15.56 9.55
N VAL B 136 25.42 16.27 8.70
CA VAL B 136 24.27 15.65 7.99
C VAL B 136 24.77 14.49 7.10
N GLU B 137 25.98 14.59 6.54
CA GLU B 137 26.46 13.47 5.73
C GLU B 137 26.82 12.22 6.54
N THR B 138 27.25 12.41 7.80
CA THR B 138 27.42 11.29 8.71
C THR B 138 26.04 10.67 9.05
N GLN B 139 25.05 11.52 9.22
CA GLN B 139 23.69 11.02 9.50
C GLN B 139 23.17 10.19 8.32
N VAL B 140 23.41 10.74 7.13
CA VAL B 140 23.10 10.02 5.90
C VAL B 140 23.83 8.66 5.88
N ALA B 141 25.14 8.64 6.15
CA ALA B 141 25.89 7.40 6.08
C ALA B 141 25.40 6.36 7.09
N GLU B 142 25.03 6.82 8.29
CA GLU B 142 24.61 5.90 9.35
C GLU B 142 23.22 5.38 9.12
N LEU B 143 22.27 6.27 8.83
CA LEU B 143 20.86 5.93 8.83
C LEU B 143 20.50 5.24 7.53
N ILE B 144 21.04 5.74 6.43
CA ILE B 144 20.84 5.10 5.11
C ILE B 144 21.75 3.89 4.94
N GLY B 145 23.00 4.00 5.39
CA GLY B 145 23.93 2.85 5.34
C GLY B 145 23.49 1.63 6.14
N THR B 146 23.28 1.76 7.47
CA THR B 146 22.76 0.60 8.26
C THR B 146 21.42 0.06 7.79
N ASN B 147 20.46 0.92 7.49
CA ASN B 147 19.11 0.44 7.22
C ASN B 147 18.87 -0.04 5.81
N ALA B 148 19.66 0.48 4.89
CA ALA B 148 19.44 0.12 3.49
C ALA B 148 20.64 -0.31 2.64
N ILE B 149 21.69 0.50 2.62
CA ILE B 149 22.87 0.16 1.80
C ILE B 149 23.55 -1.14 2.26
N ALA B 150 23.84 -1.22 3.56
CA ALA B 150 24.43 -2.48 4.08
C ALA B 150 23.53 -3.74 3.79
N PRO B 151 22.19 -3.67 4.03
CA PRO B 151 21.37 -4.82 3.58
C PRO B 151 21.51 -5.13 2.08
N PHE B 152 21.60 -4.08 1.25
CA PHE B 152 21.76 -4.32 -0.19
C PHE B 152 23.09 -5.01 -0.47
N LEU B 153 24.18 -4.50 0.11
CA LEU B 153 25.53 -5.06 -0.10
C LEU B 153 25.65 -6.52 0.47
N LEU B 154 25.04 -6.71 1.63
CA LEU B 154 24.97 -8.06 2.21
C LEU B 154 24.19 -9.02 1.33
N THR B 155 23.05 -8.54 0.83
CA THR B 155 22.22 -9.31 -0.09
C THR B 155 22.97 -9.71 -1.35
N MET B 156 23.71 -8.75 -1.95
CA MET B 156 24.59 -9.01 -3.11
CA MET B 156 24.54 -9.03 -3.11
C MET B 156 25.62 -10.10 -2.81
N SER B 157 26.33 -9.92 -1.70
CA SER B 157 27.38 -10.85 -1.33
C SER B 157 26.81 -12.22 -1.01
N PHE B 158 25.64 -12.26 -0.36
CA PHE B 158 24.98 -13.52 -0.04
C PHE B 158 24.63 -14.31 -1.36
N ALA B 159 24.03 -13.61 -2.30
CA ALA B 159 23.55 -14.23 -3.53
C ALA B 159 24.73 -14.66 -4.36
N GLN B 160 25.76 -13.79 -4.43
CA GLN B 160 26.95 -14.06 -5.28
C GLN B 160 27.61 -15.35 -4.85
N ARG B 161 27.59 -15.61 -3.55
CA ARG B 161 28.29 -16.76 -2.98
C ARG B 161 27.49 -18.07 -3.01
N GLN B 162 26.23 -18.01 -3.38
CA GLN B 162 25.42 -19.22 -3.53
C GLN B 162 25.69 -19.92 -4.86
N ASN B 173 16.93 -24.37 1.19
CA ASN B 173 16.03 -23.38 1.78
C ASN B 173 16.79 -22.10 2.15
N LEU B 174 17.12 -21.34 1.14
CA LEU B 174 17.93 -20.13 1.28
C LEU B 174 16.99 -18.95 1.40
N SER B 175 17.22 -18.09 2.38
CA SER B 175 16.41 -16.90 2.46
C SER B 175 17.02 -15.76 3.29
N ILE B 176 16.45 -14.56 3.04
CA ILE B 176 16.93 -13.32 3.64
C ILE B 176 15.68 -12.76 4.34
N VAL B 177 15.88 -12.27 5.55
CA VAL B 177 14.78 -11.57 6.27
C VAL B 177 15.31 -10.22 6.63
N ASN B 178 14.58 -9.18 6.23
CA ASN B 178 14.94 -7.78 6.58
C ASN B 178 14.01 -7.21 7.64
N LEU B 179 14.58 -6.57 8.66
CA LEU B 179 13.77 -6.02 9.73
C LEU B 179 13.36 -4.64 9.26
N CYS B 180 12.06 -4.52 9.01
CA CYS B 180 11.46 -3.33 8.43
C CYS B 180 10.78 -2.59 9.61
N ASP B 181 9.68 -1.87 9.38
CA ASP B 181 9.08 -0.99 10.42
C ASP B 181 7.61 -0.84 10.09
N ALA B 182 6.72 -1.34 10.97
CA ALA B 182 5.29 -1.33 10.62
C ALA B 182 4.73 0.13 10.45
N MET B 183 5.45 1.10 10.98
CA MET B 183 4.99 2.50 11.04
C MET B 183 5.59 3.35 9.95
N VAL B 184 6.15 2.72 8.92
CA VAL B 184 6.84 3.39 7.86
C VAL B 184 5.97 4.44 7.13
N ASP B 185 4.66 4.23 7.10
CA ASP B 185 3.76 5.18 6.42
C ASP B 185 3.07 6.13 7.38
N GLN B 186 3.39 6.02 8.67
CA GLN B 186 2.90 6.99 9.67
C GLN B 186 4.07 7.31 10.55
N PRO B 187 5.05 7.97 9.98
CA PRO B 187 6.35 7.98 10.67
C PRO B 187 6.40 8.95 11.86
N CSX B 188 7.33 8.70 12.79
CA CSX B 188 7.69 9.60 13.88
CB CSX B 188 8.75 8.92 14.77
SG CSX B 188 8.20 7.38 15.55
C CSX B 188 8.15 10.91 13.24
O CSX B 188 8.97 10.96 12.32
OD CSX B 188 7.43 7.91 16.69
N MET B 189 7.59 12.01 13.74
CA MET B 189 8.00 13.40 13.47
C MET B 189 9.53 13.61 13.52
N ALA B 190 10.13 14.18 12.47
CA ALA B 190 11.55 14.55 12.44
C ALA B 190 12.51 13.33 12.30
N PHE B 191 11.96 12.18 11.87
CA PHE B 191 12.74 10.97 11.57
C PHE B 191 12.89 10.71 10.07
N SER B 192 13.09 11.78 9.25
CA SER B 192 13.03 11.58 7.82
CA SER B 192 13.12 11.68 7.79
C SER B 192 14.11 10.63 7.28
N LEU B 193 15.38 10.76 7.67
CA LEU B 193 16.36 9.85 7.12
C LEU B 193 16.13 8.43 7.57
N TYR B 194 15.82 8.23 8.87
CA TYR B 194 15.51 6.88 9.34
C TYR B 194 14.36 6.31 8.45
N ASN B 195 13.29 7.10 8.27
CA ASN B 195 12.10 6.63 7.54
CA ASN B 195 12.14 6.56 7.54
C ASN B 195 12.45 6.34 6.05
N MET B 196 13.27 7.21 5.47
CA MET B 196 13.76 6.95 4.09
C MET B 196 14.55 5.62 4.03
N GLY B 197 15.45 5.38 5.01
CA GLY B 197 16.20 4.10 5.00
C GLY B 197 15.24 2.91 5.12
N LYS B 198 14.20 3.00 5.97
CA LYS B 198 13.30 1.84 6.09
C LYS B 198 12.40 1.70 4.88
N HIS B 199 12.03 2.82 4.21
CA HIS B 199 11.28 2.69 2.93
C HIS B 199 12.18 2.01 1.91
N ALA B 200 13.45 2.39 1.89
CA ALA B 200 14.35 1.81 0.91
C ALA B 200 14.51 0.33 1.13
N LEU B 201 14.51 -0.09 2.40
CA LEU B 201 14.59 -1.51 2.72
C LEU B 201 13.36 -2.33 2.24
N VAL B 202 12.19 -1.66 2.17
CA VAL B 202 10.98 -2.28 1.62
C VAL B 202 11.22 -2.52 0.13
N GLY B 203 11.77 -1.51 -0.53
CA GLY B 203 12.08 -1.62 -1.93
C GLY B 203 13.07 -2.72 -2.17
N LEU B 204 14.08 -2.84 -1.31
CA LEU B 204 15.10 -3.88 -1.47
C LEU B 204 14.48 -5.28 -1.32
N THR B 205 13.63 -5.38 -0.32
CA THR B 205 12.92 -6.64 -0.01
C THR B 205 12.15 -7.13 -1.25
N GLN B 206 11.42 -6.21 -1.88
CA GLN B 206 10.68 -6.49 -3.10
C GLN B 206 11.56 -6.75 -4.31
N SER B 207 12.50 -5.84 -4.58
CA SER B 207 13.41 -5.99 -5.74
C SER B 207 14.24 -7.26 -5.62
N ALA B 208 14.79 -7.53 -4.45
CA ALA B 208 15.63 -8.74 -4.28
C ALA B 208 14.75 -10.04 -4.33
N ALA B 209 13.53 -9.99 -3.81
CA ALA B 209 12.64 -11.20 -3.91
C ALA B 209 12.47 -11.53 -5.39
N LEU B 210 12.25 -10.48 -6.19
CA LEU B 210 12.01 -10.70 -7.58
C LEU B 210 13.23 -11.28 -8.30
N GLU B 211 14.37 -10.65 -8.07
CA GLU B 211 15.56 -10.96 -8.81
C GLU B 211 16.18 -12.26 -8.34
N LEU B 212 16.01 -12.59 -7.06
CA LEU B 212 16.65 -13.80 -6.51
C LEU B 212 15.80 -15.06 -6.55
N ALA B 213 14.50 -14.92 -6.84
CA ALA B 213 13.56 -16.02 -6.91
C ALA B 213 14.07 -17.10 -7.90
N PRO B 214 14.69 -16.70 -9.03
CA PRO B 214 15.28 -17.77 -9.93
C PRO B 214 16.39 -18.61 -9.35
N TYR B 215 17.05 -18.14 -8.29
CA TYR B 215 18.10 -18.87 -7.60
C TYR B 215 17.52 -19.60 -6.40
N GLY B 216 16.21 -19.48 -6.18
CA GLY B 216 15.55 -20.20 -5.08
C GLY B 216 15.87 -19.53 -3.74
N ILE B 217 16.20 -18.23 -3.78
CA ILE B 217 16.44 -17.46 -2.55
C ILE B 217 15.20 -16.62 -2.32
N ARG B 218 14.52 -16.86 -1.20
CA ARG B 218 13.32 -16.09 -0.86
C ARG B 218 13.81 -14.83 -0.07
N VAL B 219 13.06 -13.73 -0.17
CA VAL B 219 13.42 -12.49 0.51
C VAL B 219 12.17 -11.89 1.09
N ASN B 220 12.16 -11.70 2.41
CA ASN B 220 10.97 -11.24 3.14
C ASN B 220 11.37 -10.23 4.24
N GLY B 221 10.35 -9.64 4.86
CA GLY B 221 10.57 -8.77 5.99
C GLY B 221 9.66 -9.04 7.13
N VAL B 222 10.12 -8.56 8.29
CA VAL B 222 9.35 -8.55 9.51
C VAL B 222 9.36 -7.12 9.97
N ALA B 223 8.18 -6.61 10.25
CA ALA B 223 7.99 -5.16 10.51
C ALA B 223 7.41 -4.97 11.92
N PRO B 224 8.29 -4.71 12.89
CA PRO B 224 7.83 -4.45 14.24
C PRO B 224 7.06 -3.15 14.28
N GLY B 225 6.15 -3.04 15.25
CA GLY B 225 5.53 -1.73 15.58
C GLY B 225 6.33 -1.17 16.74
N VAL B 226 5.83 -1.33 17.95
CA VAL B 226 6.68 -1.00 19.09
C VAL B 226 7.08 -2.33 19.68
N SER B 227 8.38 -2.59 19.66
CA SER B 227 8.92 -3.77 20.34
C SER B 227 9.77 -3.22 21.48
N LEU B 228 10.93 -3.81 21.74
CA LEU B 228 11.72 -3.35 22.86
C LEU B 228 12.05 -1.86 22.80
N LEU B 229 11.68 -1.18 23.88
CA LEU B 229 11.79 0.27 23.94
C LEU B 229 13.20 0.66 24.38
N PRO B 230 13.62 1.92 24.12
CA PRO B 230 14.98 2.35 24.52
C PRO B 230 15.16 2.15 26.05
N VAL B 231 16.35 1.68 26.46
CA VAL B 231 16.60 1.32 27.90
C VAL B 231 16.41 2.52 28.82
N ALA B 232 16.82 3.68 28.32
CA ALA B 232 16.79 4.97 29.05
C ALA B 232 15.40 5.64 29.10
N MET B 233 14.55 5.33 28.12
CA MET B 233 13.20 5.89 28.04
C MET B 233 12.46 5.68 29.37
N GLY B 234 11.97 6.78 29.95
CA GLY B 234 11.18 6.66 31.19
C GLY B 234 9.94 5.80 31.01
N GLU B 235 9.61 5.00 32.05
CA GLU B 235 8.39 4.15 32.02
C GLU B 235 7.14 4.91 31.63
N GLU B 236 7.03 6.17 32.08
CA GLU B 236 5.83 6.95 31.77
C GLU B 236 5.74 7.20 30.26
N GLU B 237 6.91 7.38 29.60
CA GLU B 237 6.91 7.49 28.12
C GLU B 237 6.66 6.13 27.44
N LYS B 238 7.22 5.05 27.99
CA LYS B 238 7.01 3.73 27.42
C LYS B 238 5.50 3.40 27.40
N ASP B 239 4.86 3.79 28.51
CA ASP B 239 3.45 3.58 28.72
C ASP B 239 2.58 4.39 27.76
N LYS B 240 3.01 5.60 27.39
CA LYS B 240 2.29 6.39 26.35
C LYS B 240 2.13 5.53 25.05
N TRP B 241 3.20 4.80 24.69
CA TRP B 241 3.24 3.98 23.47
C TRP B 241 2.55 2.66 23.67
N ARG B 242 2.78 2.04 24.82
CA ARG B 242 2.15 0.76 25.17
C ARG B 242 0.65 0.89 25.12
N ARG B 243 0.12 2.00 25.65
CA ARG B 243 -1.36 2.24 25.66
C ARG B 243 -2.01 2.37 24.29
N LYS B 244 -1.20 2.67 23.27
CA LYS B 244 -1.73 2.82 21.91
C LYS B 244 -1.96 1.48 21.21
N VAL B 245 -1.33 0.44 21.71
CA VAL B 245 -1.33 -0.87 21.06
C VAL B 245 -2.67 -1.57 21.36
N PRO B 246 -3.50 -1.81 20.32
CA PRO B 246 -4.76 -2.55 20.56
C PRO B 246 -4.62 -3.91 21.23
N LEU B 247 -3.70 -4.73 20.73
CA LEU B 247 -3.58 -6.08 21.21
C LEU B 247 -2.75 -6.08 22.51
N GLY B 248 -3.44 -5.97 23.65
CA GLY B 248 -2.75 -6.18 24.94
C GLY B 248 -2.12 -4.97 25.57
N ARG B 249 -2.13 -3.83 24.87
CA ARG B 249 -1.54 -2.58 25.38
C ARG B 249 -0.16 -2.82 25.93
N ARG B 250 0.64 -3.49 25.13
CA ARG B 250 2.05 -3.79 25.51
C ARG B 250 2.88 -3.81 24.19
N GLU B 251 4.20 -3.58 24.32
CA GLU B 251 5.10 -3.72 23.17
C GLU B 251 5.34 -5.20 22.87
N ALA B 252 5.82 -5.52 21.65
CA ALA B 252 6.24 -6.88 21.32
C ALA B 252 7.52 -7.19 22.06
N SER B 253 7.61 -8.41 22.54
CA SER B 253 8.89 -8.89 23.03
C SER B 253 9.79 -9.16 21.82
N ALA B 254 11.08 -9.24 22.08
CA ALA B 254 12.03 -9.54 21.01
C ALA B 254 11.75 -10.94 20.49
N GLU B 255 11.38 -11.86 21.36
CA GLU B 255 11.05 -13.21 20.97
C GLU B 255 9.85 -13.28 20.03
N GLN B 256 8.88 -12.39 20.23
CA GLN B 256 7.73 -12.38 19.31
C GLN B 256 8.14 -11.91 17.92
N ILE B 257 9.06 -10.95 17.84
CA ILE B 257 9.61 -10.57 16.55
C ILE B 257 10.39 -11.74 15.95
N ALA B 258 11.25 -12.36 16.77
CA ALA B 258 11.99 -13.55 16.34
C ALA B 258 11.14 -14.67 15.81
N ASP B 259 9.97 -14.86 16.41
CA ASP B 259 9.06 -15.92 15.96
C ASP B 259 8.63 -15.76 14.47
N ALA B 260 8.42 -14.50 14.04
CA ALA B 260 8.04 -14.25 12.66
C ALA B 260 9.23 -14.50 11.75
N VAL B 261 10.45 -14.10 12.18
CA VAL B 261 11.68 -14.46 11.44
C VAL B 261 11.82 -15.98 11.29
N ILE B 262 11.68 -16.71 12.39
CA ILE B 262 11.70 -18.20 12.34
C ILE B 262 10.72 -18.81 11.34
N PHE B 263 9.45 -18.35 11.36
CA PHE B 263 8.48 -18.75 10.34
C PHE B 263 8.99 -18.50 8.93
N LEU B 264 9.49 -17.29 8.66
CA LEU B 264 9.87 -16.93 7.29
C LEU B 264 11.05 -17.75 6.75
N VAL B 265 11.95 -18.15 7.66
CA VAL B 265 13.08 -18.95 7.17
C VAL B 265 12.76 -20.46 7.07
N SER B 266 11.62 -20.85 7.60
CA SER B 266 11.24 -22.27 7.74
C SER B 266 10.64 -22.84 6.44
N GLY B 267 10.56 -24.18 6.39
CA GLY B 267 9.87 -24.94 5.33
C GLY B 267 8.38 -24.58 5.22
N SER B 268 7.81 -24.01 6.28
CA SER B 268 6.43 -23.56 6.27
C SER B 268 6.19 -22.29 5.48
N ALA B 269 7.25 -21.65 5.00
CA ALA B 269 7.15 -20.40 4.21
C ALA B 269 7.78 -20.58 2.85
N GLN B 270 7.88 -21.83 2.38
CA GLN B 270 8.60 -22.11 1.16
C GLN B 270 8.08 -21.38 -0.06
N TYR B 271 6.85 -20.91 -0.01
CA TYR B 271 6.31 -20.25 -1.19
C TYR B 271 6.18 -18.74 -0.97
N ILE B 272 6.63 -18.28 0.21
CA ILE B 272 6.52 -16.85 0.61
C ILE B 272 7.79 -16.09 0.22
N THR B 273 7.66 -15.15 -0.71
CA THR B 273 8.78 -14.21 -1.03
C THR B 273 8.19 -12.85 -1.33
N GLY B 274 8.95 -11.82 -0.99
CA GLY B 274 8.50 -10.43 -1.22
C GLY B 274 7.45 -10.00 -0.19
N SER B 275 7.24 -10.80 0.86
CA SER B 275 6.19 -10.46 1.85
C SER B 275 6.78 -9.81 3.07
N ILE B 276 6.04 -8.86 3.61
CA ILE B 276 6.46 -8.21 4.86
C ILE B 276 5.41 -8.41 5.91
N ILE B 277 5.75 -9.15 6.97
CA ILE B 277 4.78 -9.48 8.00
C ILE B 277 4.85 -8.45 9.11
N LYS B 278 3.78 -7.69 9.36
CA LYS B 278 3.74 -6.82 10.54
C LYS B 278 3.61 -7.61 11.76
N VAL B 279 4.37 -7.22 12.79
CA VAL B 279 4.31 -7.85 14.12
C VAL B 279 4.13 -6.67 15.07
N ASP B 280 2.89 -6.12 15.12
CA ASP B 280 2.71 -4.80 15.72
C ASP B 280 1.46 -4.66 16.63
N GLY B 281 0.81 -5.80 16.92
CA GLY B 281 -0.38 -5.76 17.78
C GLY B 281 -1.49 -4.83 17.29
N GLY B 282 -1.54 -4.58 15.97
CA GLY B 282 -2.50 -3.65 15.38
C GLY B 282 -2.15 -2.15 15.49
N LEU B 283 -0.94 -1.80 15.93
CA LEU B 283 -0.59 -0.39 16.14
C LEU B 283 -0.76 0.45 14.88
N SER B 284 -0.36 -0.08 13.73
CA SER B 284 -0.39 0.67 12.49
C SER B 284 -1.82 0.90 11.97
N LEU B 285 -2.78 0.17 12.52
CA LEU B 285 -4.21 0.36 12.15
C LEU B 285 -4.87 1.49 12.92
N VAL B 286 -4.15 2.07 13.88
CA VAL B 286 -4.76 3.05 14.83
C VAL B 286 -4.58 4.45 14.29
N HIS B 287 -5.69 5.12 14.11
CA HIS B 287 -5.64 6.48 13.59
C HIS B 287 -5.19 7.52 14.64
N ALA B 288 -4.80 8.71 14.22
CA ALA B 288 -4.31 9.72 15.17
C ALA B 288 -5.34 10.13 16.23
N GLU C 22 -22.90 19.94 -27.11
CA GLU C 22 -21.80 20.96 -26.95
C GLU C 22 -21.14 20.96 -25.55
N ALA C 23 -21.87 21.45 -24.54
CA ALA C 23 -21.40 21.46 -23.16
C ALA C 23 -21.49 20.03 -22.63
N PRO C 24 -20.43 19.62 -21.88
CA PRO C 24 -20.47 18.25 -21.35
C PRO C 24 -21.50 18.16 -20.20
N ALA C 25 -21.86 16.94 -19.78
CA ALA C 25 -22.81 16.79 -18.69
C ALA C 25 -22.28 15.77 -17.69
N ALA C 26 -22.62 16.05 -16.43
CA ALA C 26 -22.18 15.22 -15.29
C ALA C 26 -23.36 14.80 -14.41
N VAL C 27 -23.26 13.57 -13.86
CA VAL C 27 -24.15 13.11 -12.82
C VAL C 27 -23.39 13.16 -11.47
N VAL C 28 -23.95 13.79 -10.44
CA VAL C 28 -23.34 13.79 -9.10
C VAL C 28 -24.36 13.19 -8.16
N THR C 29 -23.99 12.11 -7.50
CA THR C 29 -24.95 11.49 -6.60
C THR C 29 -24.85 12.13 -5.25
N GLY C 30 -25.95 12.14 -4.55
CA GLY C 30 -25.99 12.81 -3.23
C GLY C 30 -25.54 14.30 -3.30
N ALA C 31 -26.01 15.02 -4.31
CA ALA C 31 -25.50 16.34 -4.73
C ALA C 31 -26.24 17.51 -4.03
N ALA C 32 -27.22 17.22 -3.17
CA ALA C 32 -28.05 18.25 -2.52
C ALA C 32 -27.34 19.10 -1.51
N LYS C 33 -26.40 18.46 -0.80
CA LYS C 33 -25.73 19.08 0.36
C LYS C 33 -24.23 18.80 0.37
N ARG C 34 -23.54 19.59 1.17
CA ARG C 34 -22.18 19.29 1.65
C ARG C 34 -21.22 19.04 0.48
N ILE C 35 -20.49 17.91 0.44
CA ILE C 35 -19.44 17.75 -0.57
C ILE C 35 -20.04 17.63 -1.98
N GLY C 36 -21.14 16.86 -2.10
CA GLY C 36 -21.72 16.64 -3.44
C GLY C 36 -22.25 17.95 -4.02
N ARG C 37 -22.77 18.83 -3.16
CA ARG C 37 -23.26 20.14 -3.62
C ARG C 37 -22.10 20.95 -4.15
N ALA C 38 -21.01 20.98 -3.38
CA ALA C 38 -19.83 21.78 -3.75
C ALA C 38 -19.29 21.27 -5.09
N ILE C 39 -19.29 19.94 -5.24
CA ILE C 39 -18.87 19.30 -6.48
C ILE C 39 -19.78 19.71 -7.67
N ALA C 40 -21.12 19.66 -7.47
CA ALA C 40 -22.01 20.04 -8.57
C ALA C 40 -21.80 21.50 -8.93
N VAL C 41 -21.63 22.35 -7.92
CA VAL C 41 -21.46 23.79 -8.17
C VAL C 41 -20.21 24.04 -8.98
N LYS C 42 -19.08 23.46 -8.54
CA LYS C 42 -17.85 23.60 -9.24
C LYS C 42 -17.91 23.05 -10.66
N LEU C 43 -18.52 21.87 -10.90
CA LEU C 43 -18.59 21.34 -12.27
C LEU C 43 -19.44 22.30 -13.12
N HIS C 44 -20.55 22.79 -12.56
CA HIS C 44 -21.42 23.74 -13.25
C HIS C 44 -20.64 25.03 -13.64
N GLN C 45 -19.86 25.55 -12.68
CA GLN C 45 -18.98 26.74 -12.94
C GLN C 45 -17.93 26.51 -14.02
N THR C 46 -17.54 25.26 -14.25
CA THR C 46 -16.57 24.86 -15.25
C THR C 46 -17.29 24.67 -16.60
N GLY C 47 -18.62 24.70 -16.62
CA GLY C 47 -19.33 24.59 -17.90
C GLY C 47 -20.07 23.29 -18.17
N TYR C 48 -20.03 22.37 -17.20
CA TYR C 48 -20.93 21.18 -17.27
C TYR C 48 -22.40 21.51 -17.03
N ARG C 49 -23.25 20.73 -17.69
CA ARG C 49 -24.65 20.56 -17.26
C ARG C 49 -24.67 19.46 -16.21
N VAL C 50 -25.50 19.59 -15.19
CA VAL C 50 -25.51 18.60 -14.05
C VAL C 50 -26.86 17.92 -13.73
N VAL C 51 -26.79 16.62 -13.37
CA VAL C 51 -27.97 15.91 -12.76
C VAL C 51 -27.63 15.88 -11.27
N ILE C 52 -28.45 16.54 -10.47
CA ILE C 52 -28.35 16.60 -9.02
C ILE C 52 -29.21 15.44 -8.50
N HIS C 53 -28.55 14.35 -8.10
CA HIS C 53 -29.24 13.21 -7.55
C HIS C 53 -29.48 13.46 -6.06
N TYR C 54 -30.64 13.01 -5.54
CA TYR C 54 -30.98 13.12 -4.14
C TYR C 54 -31.82 11.90 -3.70
N HIS C 55 -31.87 11.69 -2.41
CA HIS C 55 -32.71 10.62 -1.85
C HIS C 55 -33.82 11.29 -1.03
N ASN C 56 -33.46 11.85 0.12
CA ASN C 56 -34.38 12.57 1.00
C ASN C 56 -34.36 14.09 0.88
N SER C 57 -33.35 14.67 0.27
CA SER C 57 -33.20 16.11 0.35
C SER C 57 -33.77 16.83 -0.87
N ALA C 58 -35.06 16.61 -1.14
CA ALA C 58 -35.74 17.20 -2.29
C ALA C 58 -35.67 18.71 -2.38
N GLU C 59 -36.00 19.38 -1.27
CA GLU C 59 -36.04 20.84 -1.20
C GLU C 59 -34.65 21.43 -1.52
N ALA C 60 -33.60 20.88 -0.89
CA ALA C 60 -32.21 21.24 -1.20
C ALA C 60 -31.75 21.00 -2.65
N ALA C 61 -32.09 19.84 -3.22
CA ALA C 61 -31.75 19.50 -4.59
C ALA C 61 -32.37 20.49 -5.56
N VAL C 62 -33.66 20.75 -5.35
CA VAL C 62 -34.35 21.78 -6.15
C VAL C 62 -33.78 23.21 -5.99
N SER C 63 -33.49 23.61 -4.75
CA SER C 63 -32.92 24.93 -4.51
C SER C 63 -31.57 25.09 -5.26
N LEU C 64 -30.71 24.06 -5.20
CA LEU C 64 -29.48 24.05 -5.98
C LEU C 64 -29.75 24.14 -7.50
N ALA C 65 -30.71 23.36 -7.97
CA ALA C 65 -31.10 23.35 -9.39
C ALA C 65 -31.56 24.76 -9.86
N ASP C 66 -32.36 25.42 -9.02
CA ASP C 66 -32.87 26.78 -9.30
C ASP C 66 -31.68 27.74 -9.40
N GLU C 67 -30.74 27.63 -8.48
CA GLU C 67 -29.56 28.51 -8.46
C GLU C 67 -28.67 28.34 -9.70
N LEU C 68 -28.44 27.10 -10.13
CA LEU C 68 -27.69 26.84 -11.37
C LEU C 68 -28.42 27.23 -12.68
N ASN C 69 -29.73 27.01 -12.74
CA ASN C 69 -30.47 27.37 -13.97
C ASN C 69 -30.63 28.90 -14.06
N LYS C 70 -30.74 29.60 -12.91
CA LYS C 70 -30.78 31.07 -12.89
C LYS C 70 -29.48 31.59 -13.47
N GLU C 71 -28.36 30.94 -13.11
CA GLU C 71 -27.07 31.22 -13.73
C GLU C 71 -27.05 30.92 -15.24
N ARG C 72 -27.51 29.72 -15.65
CA ARG C 72 -27.59 29.31 -17.07
C ARG C 72 -28.83 28.42 -17.28
N SER C 73 -29.85 28.90 -17.99
CA SER C 73 -31.10 28.10 -18.02
C SER C 73 -30.95 26.70 -18.65
N ASN C 74 -31.74 25.76 -18.13
CA ASN C 74 -31.79 24.37 -18.62
C ASN C 74 -30.39 23.69 -18.60
N THR C 75 -29.67 23.91 -17.52
CA THR C 75 -28.39 23.21 -17.33
C THR C 75 -28.31 22.34 -16.08
N ALA C 76 -29.42 22.22 -15.33
CA ALA C 76 -29.47 21.47 -14.09
C ALA C 76 -30.85 20.78 -13.94
N VAL C 77 -30.82 19.48 -13.77
CA VAL C 77 -32.02 18.72 -13.45
C VAL C 77 -31.81 17.97 -12.11
N VAL C 78 -32.89 17.57 -11.45
CA VAL C 78 -32.83 16.72 -10.26
C VAL C 78 -33.30 15.29 -10.56
N OCS C 79 -32.88 14.32 -9.74
CA OCS C 79 -33.27 12.93 -9.90
CB OCS C 79 -32.37 12.20 -10.93
SG OCS C 79 -33.09 10.74 -11.35
C OCS C 79 -33.30 12.30 -8.53
O OCS C 79 -32.30 12.18 -7.73
OD1 OCS C 79 -33.20 9.90 -10.16
OD2 OCS C 79 -34.44 10.97 -11.84
OD3 OCS C 79 -32.35 10.10 -12.52
N GLN C 80 -34.56 11.84 -8.19
CA GLN C 80 -34.71 11.13 -6.88
C GLN C 80 -34.42 9.64 -7.02
N ALA C 81 -33.57 9.12 -6.12
CA ALA C 81 -33.44 7.64 -6.01
C ALA C 81 -32.88 7.23 -4.70
N ASP C 82 -33.40 6.11 -4.19
CA ASP C 82 -32.81 5.52 -2.99
C ASP C 82 -31.68 4.65 -3.46
N LEU C 83 -30.49 4.82 -2.89
CA LEU C 83 -29.30 4.06 -3.40
C LEU C 83 -28.96 2.85 -2.47
N THR C 84 -29.85 2.62 -1.53
CA THR C 84 -29.85 1.31 -0.78
C THR C 84 -29.81 0.11 -1.73
N ASN C 85 -29.00 -0.90 -1.44
CA ASN C 85 -29.07 -2.12 -2.25
C ASN C 85 -30.45 -2.79 -2.06
N SER C 86 -31.06 -3.17 -3.18
CA SER C 86 -32.31 -3.94 -3.22
C SER C 86 -32.45 -4.53 -4.61
N ASN C 87 -33.55 -5.28 -4.82
CA ASN C 87 -33.89 -5.81 -6.18
C ASN C 87 -34.13 -4.69 -7.18
N VAL C 88 -34.52 -3.50 -6.72
CA VAL C 88 -34.72 -2.37 -7.67
C VAL C 88 -33.53 -1.40 -7.86
N LEU C 89 -32.44 -1.60 -7.10
CA LEU C 89 -31.25 -0.69 -7.25
C LEU C 89 -30.70 -0.61 -8.70
N PRO C 90 -30.52 -1.77 -9.40
CA PRO C 90 -30.08 -1.66 -10.78
C PRO C 90 -30.95 -0.78 -11.67
N ALA C 91 -32.27 -0.94 -11.60
CA ALA C 91 -33.17 0.00 -12.30
C ALA C 91 -32.98 1.46 -11.93
N SER C 92 -32.91 1.75 -10.63
CA SER C 92 -32.64 3.09 -10.17
C SER C 92 -31.34 3.69 -10.72
N CYS C 93 -30.24 2.92 -10.72
CA CYS C 93 -28.95 3.40 -11.19
C CYS C 93 -29.02 3.61 -12.71
N GLU C 94 -29.63 2.67 -13.44
CA GLU C 94 -29.84 2.83 -14.90
C GLU C 94 -30.62 4.10 -15.20
N GLU C 95 -31.65 4.35 -14.40
CA GLU C 95 -32.46 5.55 -14.54
C GLU C 95 -31.73 6.85 -14.27
N ILE C 96 -30.83 6.86 -13.29
CA ILE C 96 -29.94 8.05 -13.05
C ILE C 96 -29.12 8.41 -14.29
N ILE C 97 -28.49 7.42 -14.90
CA ILE C 97 -27.68 7.65 -16.07
C ILE C 97 -28.62 8.08 -17.22
N ASN C 98 -29.78 7.40 -17.30
CA ASN C 98 -30.78 7.72 -18.36
C ASN C 98 -31.21 9.14 -18.28
N SER C 99 -31.44 9.64 -17.06
CA SER C 99 -31.76 11.03 -16.86
C SER C 99 -30.81 12.02 -17.44
N CYS C 100 -29.49 11.75 -17.30
CA CYS C 100 -28.44 12.57 -17.92
C CYS C 100 -28.63 12.60 -19.44
N PHE C 101 -28.73 11.43 -20.05
CA PHE C 101 -28.96 11.34 -21.50
C PHE C 101 -30.29 12.02 -21.95
N ARG C 102 -31.38 11.83 -21.20
CA ARG C 102 -32.66 12.50 -21.53
C ARG C 102 -32.52 14.01 -21.53
N ALA C 103 -31.97 14.57 -20.43
CA ALA C 103 -31.89 16.00 -20.28
C ALA C 103 -30.89 16.64 -21.21
N PHE C 104 -29.79 15.95 -21.49
CA PHE C 104 -28.60 16.64 -22.01
C PHE C 104 -28.01 16.00 -23.23
N GLY C 105 -28.46 14.80 -23.55
CA GLY C 105 -28.02 14.15 -24.77
C GLY C 105 -26.69 13.44 -24.68
N ARG C 106 -26.12 13.44 -23.47
CA ARG C 106 -24.80 12.82 -23.28
C ARG C 106 -24.58 12.72 -21.76
N CYS C 107 -23.57 11.94 -21.39
CA CYS C 107 -23.17 11.85 -19.96
C CYS C 107 -21.66 11.62 -19.99
N ASP C 108 -20.90 12.67 -19.63
CA ASP C 108 -19.43 12.63 -19.75
C ASP C 108 -18.75 12.22 -18.45
N VAL C 109 -19.38 12.59 -17.34
CA VAL C 109 -18.80 12.47 -15.98
C VAL C 109 -19.82 11.87 -15.02
N LEU C 110 -19.38 10.86 -14.25
CA LEU C 110 -20.13 10.29 -13.14
C LEU C 110 -19.33 10.56 -11.87
N VAL C 111 -19.92 11.23 -10.88
CA VAL C 111 -19.28 11.39 -9.58
C VAL C 111 -20.11 10.56 -8.54
N ASN C 112 -19.50 9.49 -8.01
CA ASN C 112 -20.17 8.65 -7.03
C ASN C 112 -19.83 9.24 -5.68
N ASN C 113 -20.71 10.13 -5.24
CA ASN C 113 -20.47 10.85 -3.98
C ASN C 113 -21.37 10.40 -2.83
N ALA C 114 -22.61 9.93 -3.17
CA ALA C 114 -23.59 9.61 -2.14
C ALA C 114 -22.99 8.59 -1.17
N SER C 115 -23.28 8.75 0.10
CA SER C 115 -22.76 7.80 1.10
CA SER C 115 -22.83 7.72 1.06
C SER C 115 -23.55 7.74 2.37
N ALA C 116 -23.73 6.54 2.91
CA ALA C 116 -24.24 6.34 4.23
C ALA C 116 -23.06 6.15 5.18
N PHE C 117 -23.20 6.65 6.39
CA PHE C 117 -22.09 6.62 7.34
C PHE C 117 -22.59 6.49 8.79
N TYR C 118 -22.29 5.37 9.46
CA TYR C 118 -22.69 5.17 10.83
C TYR C 118 -22.05 3.91 11.37
N PRO C 119 -21.94 3.78 12.71
CA PRO C 119 -21.20 2.60 13.21
C PRO C 119 -22.00 1.28 13.14
N THR C 120 -21.30 0.16 13.08
CA THR C 120 -21.92 -1.17 13.09
C THR C 120 -21.02 -2.03 13.95
N PRO C 121 -21.15 -1.91 15.31
CA PRO C 121 -20.24 -2.65 16.22
C PRO C 121 -20.29 -4.14 15.98
N LEU C 122 -19.14 -4.80 16.14
CA LEU C 122 -19.09 -6.22 15.97
C LEU C 122 -19.58 -6.93 17.26
N VAL C 123 -19.49 -6.28 18.43
CA VAL C 123 -19.85 -6.95 19.71
C VAL C 123 -20.97 -6.23 20.45
N LYS C 134 -32.35 -0.68 12.94
CA LYS C 134 -32.01 -1.29 11.65
C LYS C 134 -31.48 -2.66 11.86
N THR C 135 -32.05 -3.65 11.17
CA THR C 135 -31.47 -4.97 11.12
C THR C 135 -30.06 -4.86 10.51
N VAL C 136 -29.24 -5.86 10.81
CA VAL C 136 -27.89 -5.92 10.26
C VAL C 136 -27.97 -5.96 8.74
N GLU C 137 -28.97 -6.63 8.18
CA GLU C 137 -29.02 -6.68 6.74
C GLU C 137 -29.51 -5.36 6.06
N THR C 138 -30.25 -4.54 6.79
CA THR C 138 -30.54 -3.17 6.29
C THR C 138 -29.24 -2.32 6.33
N GLN C 139 -28.45 -2.48 7.38
CA GLN C 139 -27.10 -1.90 7.49
C GLN C 139 -26.21 -2.28 6.31
N VAL C 140 -26.23 -3.54 5.98
CA VAL C 140 -25.52 -4.03 4.79
C VAL C 140 -26.02 -3.34 3.54
N ALA C 141 -27.33 -3.38 3.33
CA ALA C 141 -27.91 -2.73 2.17
C ALA C 141 -27.54 -1.22 2.02
N GLU C 142 -27.52 -0.50 3.13
CA GLU C 142 -27.20 0.91 3.09
C GLU C 142 -25.68 1.17 3.01
N LEU C 143 -24.91 0.57 3.91
CA LEU C 143 -23.46 0.84 3.96
C LEU C 143 -22.73 0.24 2.78
N ILE C 144 -23.08 -0.97 2.38
CA ILE C 144 -22.41 -1.56 1.22
C ILE C 144 -23.13 -1.16 -0.06
N GLY C 145 -24.46 -1.10 -0.02
CA GLY C 145 -25.22 -0.69 -1.20
C GLY C 145 -24.93 0.72 -1.68
N THR C 146 -25.12 1.73 -0.83
CA THR C 146 -24.85 3.07 -1.29
C THR C 146 -23.37 3.30 -1.54
N ASN C 147 -22.46 2.77 -0.68
CA ASN C 147 -21.04 3.12 -0.80
CA ASN C 147 -21.05 3.14 -0.81
C ASN C 147 -20.27 2.36 -1.90
N ALA C 148 -20.78 1.19 -2.31
CA ALA C 148 -20.06 0.31 -3.24
C ALA C 148 -20.92 -0.27 -4.37
N ILE C 149 -22.09 -0.84 -4.05
CA ILE C 149 -22.90 -1.47 -5.09
CA ILE C 149 -22.93 -1.48 -5.08
C ILE C 149 -23.54 -0.47 -6.05
N ALA C 150 -24.11 0.60 -5.52
CA ALA C 150 -24.62 1.67 -6.40
C ALA C 150 -23.53 2.25 -7.33
N PRO C 151 -22.34 2.49 -6.78
CA PRO C 151 -21.22 2.96 -7.59
C PRO C 151 -20.90 1.96 -8.70
N PHE C 152 -20.98 0.66 -8.41
CA PHE C 152 -20.70 -0.37 -9.38
C PHE C 152 -21.80 -0.36 -10.47
N LEU C 153 -23.06 -0.23 -10.06
CA LEU C 153 -24.16 -0.33 -11.05
C LEU C 153 -24.22 0.91 -11.90
N LEU C 154 -24.03 2.06 -11.23
CA LEU C 154 -23.86 3.33 -11.97
C LEU C 154 -22.72 3.32 -12.97
N THR C 155 -21.59 2.72 -12.58
CA THR C 155 -20.42 2.56 -13.49
C THR C 155 -20.81 1.71 -14.69
N MET C 156 -21.45 0.56 -14.43
CA MET C 156 -21.94 -0.33 -15.49
CA MET C 156 -21.92 -0.32 -15.49
C MET C 156 -22.85 0.45 -16.44
N SER C 157 -23.87 1.12 -15.89
CA SER C 157 -24.84 1.86 -16.74
C SER C 157 -24.13 2.96 -17.57
N PHE C 158 -23.20 3.65 -16.90
CA PHE C 158 -22.45 4.78 -17.55
C PHE C 158 -21.67 4.23 -18.74
N ALA C 159 -20.98 3.11 -18.52
CA ALA C 159 -20.12 2.50 -19.53
C ALA C 159 -20.95 1.95 -20.69
N GLN C 160 -22.01 1.18 -20.35
CA GLN C 160 -22.95 0.59 -21.35
C GLN C 160 -23.56 1.63 -22.27
N ARG C 161 -23.90 2.81 -21.72
CA ARG C 161 -24.50 3.87 -22.54
C ARG C 161 -23.51 4.71 -23.38
N GLN C 162 -22.22 4.38 -23.37
CA GLN C 162 -21.25 5.09 -24.21
C GLN C 162 -21.06 4.35 -25.53
N SER C 172 -15.31 12.36 -25.52
CA SER C 172 -13.87 12.45 -25.73
C SER C 172 -13.08 12.85 -24.45
N ASN C 173 -13.77 13.27 -23.38
CA ASN C 173 -13.14 13.25 -22.03
C ASN C 173 -14.08 12.62 -20.96
N LEU C 174 -14.21 11.31 -21.03
CA LEU C 174 -15.16 10.59 -20.18
C LEU C 174 -14.43 10.12 -18.92
N SER C 175 -14.99 10.39 -17.76
CA SER C 175 -14.40 9.85 -16.54
C SER C 175 -15.42 9.69 -15.42
N ILE C 176 -15.01 8.84 -14.49
CA ILE C 176 -15.74 8.63 -13.26
C ILE C 176 -14.81 9.00 -12.08
N VAL C 177 -15.36 9.65 -11.09
CA VAL C 177 -14.65 9.93 -9.83
C VAL C 177 -15.45 9.37 -8.63
N ASN C 178 -14.77 8.52 -7.83
CA ASN C 178 -15.41 7.94 -6.66
C ASN C 178 -14.90 8.60 -5.41
N LEU C 179 -15.80 8.98 -4.52
CA LEU C 179 -15.43 9.65 -3.28
C LEU C 179 -15.07 8.53 -2.27
N CYS C 180 -13.76 8.43 -1.99
CA CYS C 180 -13.14 7.39 -1.23
C CYS C 180 -12.92 7.90 0.19
N ASP C 181 -12.03 7.29 0.95
CA ASP C 181 -11.82 7.76 2.31
CA ASP C 181 -11.82 7.72 2.34
C ASP C 181 -10.33 7.63 2.59
N ALA C 182 -9.70 8.76 2.96
CA ALA C 182 -8.27 8.76 3.18
C ALA C 182 -7.88 7.90 4.38
N MET C 183 -8.83 7.60 5.25
CA MET C 183 -8.53 6.87 6.48
C MET C 183 -8.92 5.39 6.38
N VAL C 184 -9.09 4.91 5.15
CA VAL C 184 -9.52 3.55 4.89
C VAL C 184 -8.67 2.48 5.61
N ASP C 185 -7.39 2.74 5.76
CA ASP C 185 -6.47 1.78 6.37
C ASP C 185 -6.23 2.06 7.85
N GLN C 186 -6.88 3.07 8.39
CA GLN C 186 -6.78 3.37 9.82
C GLN C 186 -8.19 3.68 10.27
N PRO C 187 -9.09 2.69 10.16
CA PRO C 187 -10.52 3.02 10.27
C PRO C 187 -10.97 3.43 11.69
N CSX C 188 -12.07 4.17 11.77
CA CSX C 188 -12.76 4.42 13.04
CB CSX C 188 -13.92 5.37 12.74
SG CSX C 188 -13.38 6.95 12.03
C CSX C 188 -13.21 3.09 13.61
O CSX C 188 -13.72 2.23 12.95
OD CSX C 188 -12.94 7.65 13.27
N MET C 189 -12.97 2.92 14.88
CA MET C 189 -13.38 1.78 15.69
C MET C 189 -14.92 1.50 15.55
N ALA C 190 -15.30 0.27 15.28
CA ALA C 190 -16.72 -0.11 15.18
C ALA C 190 -17.47 0.39 13.93
N PHE C 191 -16.69 0.81 12.93
CA PHE C 191 -17.21 1.18 11.61
C PHE C 191 -16.86 0.11 10.53
N SER C 192 -16.92 -1.18 10.87
CA SER C 192 -16.53 -2.24 9.93
CA SER C 192 -16.54 -2.27 9.92
C SER C 192 -17.27 -2.21 8.59
N LEU C 193 -18.62 -2.13 8.63
CA LEU C 193 -19.34 -2.19 7.35
C LEU C 193 -19.07 -0.99 6.51
N TYR C 194 -19.09 0.21 7.10
CA TYR C 194 -18.68 1.43 6.37
C TYR C 194 -17.30 1.24 5.74
N ASN C 195 -16.35 0.78 6.55
CA ASN C 195 -14.97 0.58 6.10
C ASN C 195 -14.87 -0.46 4.97
N MET C 196 -15.62 -1.57 5.12
CA MET C 196 -15.71 -2.55 4.02
C MET C 196 -16.23 -1.96 2.71
N GLY C 197 -17.27 -1.12 2.80
CA GLY C 197 -17.87 -0.45 1.63
C GLY C 197 -16.85 0.45 0.93
N LYS C 198 -16.05 1.15 1.74
CA LYS C 198 -15.05 2.10 1.19
C LYS C 198 -13.86 1.36 0.62
N HIS C 199 -13.47 0.24 1.23
CA HIS C 199 -12.49 -0.62 0.58
C HIS C 199 -12.98 -1.21 -0.71
N ALA C 200 -14.25 -1.70 -0.72
CA ALA C 200 -14.81 -2.19 -1.95
C ALA C 200 -14.75 -1.07 -3.05
N LEU C 201 -15.02 0.18 -2.65
CA LEU C 201 -15.01 1.28 -3.59
C LEU C 201 -13.61 1.51 -4.21
N VAL C 202 -12.58 1.32 -3.40
CA VAL C 202 -11.16 1.31 -3.91
C VAL C 202 -11.00 0.20 -4.93
N GLY C 203 -11.46 -1.01 -4.61
CA GLY C 203 -11.41 -2.09 -5.60
C GLY C 203 -12.14 -1.79 -6.90
N LEU C 204 -13.32 -1.16 -6.77
CA LEU C 204 -14.14 -0.81 -7.94
C LEU C 204 -13.37 0.19 -8.80
N THR C 205 -12.75 1.13 -8.12
CA THR C 205 -11.99 2.20 -8.77
C THR C 205 -10.89 1.60 -9.64
N GLN C 206 -10.13 0.64 -9.08
CA GLN C 206 -9.03 0.02 -9.75
C GLN C 206 -9.55 -0.92 -10.84
N SER C 207 -10.57 -1.75 -10.54
CA SER C 207 -11.06 -2.70 -11.53
C SER C 207 -11.68 -2.01 -12.75
N ALA C 208 -12.47 -1.00 -12.49
CA ALA C 208 -13.14 -0.25 -13.54
C ALA C 208 -12.13 0.57 -14.29
N ALA C 209 -11.14 1.15 -13.61
CA ALA C 209 -10.10 1.91 -14.38
C ALA C 209 -9.45 0.93 -15.41
N LEU C 210 -9.15 -0.29 -14.98
CA LEU C 210 -8.53 -1.29 -15.88
C LEU C 210 -9.48 -1.68 -17.03
N GLU C 211 -10.72 -2.00 -16.69
CA GLU C 211 -11.67 -2.56 -17.67
C GLU C 211 -12.17 -1.51 -18.64
N LEU C 212 -12.30 -0.26 -18.19
CA LEU C 212 -12.86 0.79 -19.04
C LEU C 212 -11.85 1.62 -19.78
N ALA C 213 -10.57 1.44 -19.47
CA ALA C 213 -9.51 2.18 -20.15
C ALA C 213 -9.56 2.01 -21.69
N PRO C 214 -9.84 0.78 -22.19
CA PRO C 214 -10.08 0.59 -23.65
C PRO C 214 -11.21 1.43 -24.24
N TYR C 215 -12.23 1.74 -23.46
CA TYR C 215 -13.32 2.58 -23.89
C TYR C 215 -13.02 4.07 -23.80
N GLY C 216 -11.79 4.40 -23.37
CA GLY C 216 -11.40 5.79 -23.05
C GLY C 216 -12.15 6.39 -21.87
N ILE C 217 -12.61 5.57 -20.92
CA ILE C 217 -13.27 6.12 -19.70
C ILE C 217 -12.22 6.01 -18.60
N ARG C 218 -11.81 7.13 -18.00
CA ARG C 218 -10.83 7.09 -16.88
C ARG C 218 -11.67 6.93 -15.60
N VAL C 219 -11.10 6.27 -14.57
CA VAL C 219 -11.82 6.04 -13.29
C VAL C 219 -10.82 6.32 -12.15
N ASN C 220 -11.15 7.31 -11.33
CA ASN C 220 -10.26 7.77 -10.27
C ASN C 220 -11.04 8.06 -8.99
N GLY C 221 -10.32 8.33 -7.90
CA GLY C 221 -10.96 8.66 -6.63
C GLY C 221 -10.36 9.92 -6.01
N VAL C 222 -11.16 10.50 -5.11
CA VAL C 222 -10.76 11.56 -4.21
C VAL C 222 -11.10 11.10 -2.83
N ALA C 223 -10.12 11.16 -1.95
CA ALA C 223 -10.25 10.60 -0.61
C ALA C 223 -10.10 11.72 0.43
N PRO C 224 -11.23 12.24 0.93
CA PRO C 224 -11.20 13.25 2.02
C PRO C 224 -10.75 12.61 3.34
N GLY C 225 -10.28 13.43 4.28
CA GLY C 225 -10.01 12.96 5.65
C GLY C 225 -11.18 13.42 6.47
N VAL C 226 -10.94 14.45 7.29
CA VAL C 226 -12.07 15.22 7.81
C VAL C 226 -12.30 16.39 6.84
N SER C 227 -13.53 16.42 6.30
CA SER C 227 -13.99 17.56 5.49
C SER C 227 -15.25 18.18 6.10
N LYS C 238 -15.00 17.30 17.57
CA LYS C 238 -14.90 18.04 16.30
C LYS C 238 -13.59 18.83 16.25
N ASP C 239 -13.41 19.76 17.18
CA ASP C 239 -12.10 20.39 17.39
C ASP C 239 -10.98 19.36 17.73
N LYS C 240 -11.34 18.26 18.41
CA LYS C 240 -10.41 17.16 18.71
C LYS C 240 -9.74 16.65 17.40
N TRP C 241 -10.58 16.37 16.39
CA TRP C 241 -10.10 15.98 15.07
C TRP C 241 -9.30 17.05 14.36
N ARG C 242 -9.79 18.29 14.38
CA ARG C 242 -9.16 19.37 13.60
C ARG C 242 -7.74 19.60 14.10
N ARG C 243 -7.55 19.55 15.42
CA ARG C 243 -6.21 19.63 16.07
C ARG C 243 -5.14 18.57 15.61
N LYS C 244 -5.61 17.44 15.07
CA LYS C 244 -4.72 16.34 14.60
C LYS C 244 -4.21 16.53 13.18
N VAL C 245 -4.91 17.38 12.42
CA VAL C 245 -4.58 17.67 11.01
C VAL C 245 -3.28 18.47 10.86
N PRO C 246 -2.23 17.87 10.26
CA PRO C 246 -0.96 18.63 10.11
C PRO C 246 -1.14 19.97 9.39
N LEU C 247 -1.87 19.98 8.28
CA LEU C 247 -2.08 21.19 7.54
C LEU C 247 -3.11 22.11 8.15
N GLY C 248 -2.64 22.97 9.05
CA GLY C 248 -3.45 24.07 9.62
C GLY C 248 -4.60 23.67 10.51
N ARG C 249 -4.58 22.43 11.02
CA ARG C 249 -5.48 22.01 12.15
C ARG C 249 -7.01 22.41 11.96
N ARG C 250 -7.42 22.44 10.70
CA ARG C 250 -8.79 22.71 10.25
C ARG C 250 -9.19 21.54 9.36
N GLU C 251 -10.52 21.35 9.24
CA GLU C 251 -11.17 20.52 8.19
C GLU C 251 -10.98 21.05 6.75
N ALA C 252 -11.01 20.11 5.77
CA ALA C 252 -11.17 20.48 4.35
C ALA C 252 -12.53 21.11 4.24
N SER C 253 -12.59 22.26 3.59
CA SER C 253 -13.86 22.68 3.07
C SER C 253 -14.31 21.70 1.97
N ALA C 254 -15.61 21.65 1.73
CA ALA C 254 -16.15 20.88 0.59
C ALA C 254 -15.54 21.35 -0.72
N GLU C 255 -15.23 22.64 -0.82
CA GLU C 255 -14.68 23.17 -2.06
CA GLU C 255 -14.68 23.21 -2.04
C GLU C 255 -13.30 22.60 -2.37
N GLN C 256 -12.50 22.32 -1.33
CA GLN C 256 -11.15 21.68 -1.53
C GLN C 256 -11.29 20.26 -2.10
N ILE C 257 -12.30 19.55 -1.64
CA ILE C 257 -12.66 18.23 -2.24
C ILE C 257 -13.06 18.37 -3.68
N ALA C 258 -13.95 19.31 -3.97
CA ALA C 258 -14.41 19.58 -5.33
C ALA C 258 -13.30 19.93 -6.26
N ASP C 259 -12.33 20.68 -5.74
CA ASP C 259 -11.14 21.07 -6.55
C ASP C 259 -10.40 19.85 -7.11
N ALA C 260 -10.23 18.84 -6.26
CA ALA C 260 -9.57 17.62 -6.75
C ALA C 260 -10.40 16.87 -7.79
N VAL C 261 -11.71 16.83 -7.58
CA VAL C 261 -12.64 16.24 -8.59
C VAL C 261 -12.51 16.97 -9.92
N ILE C 262 -12.59 18.30 -9.85
CA ILE C 262 -12.45 19.18 -11.04
C ILE C 262 -11.13 18.89 -11.78
N PHE C 263 -10.02 18.76 -11.03
CA PHE C 263 -8.78 18.35 -11.67
C PHE C 263 -8.89 17.00 -12.43
N LEU C 264 -9.42 15.97 -11.75
CA LEU C 264 -9.46 14.63 -12.28
C LEU C 264 -10.37 14.55 -13.51
N VAL C 265 -11.45 15.34 -13.57
CA VAL C 265 -12.28 15.29 -14.78
C VAL C 265 -11.71 16.16 -15.92
N SER C 266 -10.71 16.96 -15.63
CA SER C 266 -10.24 17.97 -16.59
C SER C 266 -9.32 17.33 -17.64
N GLY C 267 -8.98 18.09 -18.70
CA GLY C 267 -7.99 17.61 -19.66
C GLY C 267 -6.57 17.64 -19.08
N SER C 268 -6.35 18.28 -17.93
CA SER C 268 -5.03 18.14 -17.24
C SER C 268 -4.79 16.77 -16.61
N ALA C 269 -5.79 15.88 -16.69
CA ALA C 269 -5.66 14.54 -16.07
C ALA C 269 -5.94 13.42 -17.07
N GLN C 270 -5.74 13.73 -18.35
CA GLN C 270 -6.14 12.80 -19.43
C GLN C 270 -5.35 11.49 -19.44
N TYR C 271 -4.21 11.49 -18.73
CA TYR C 271 -3.46 10.24 -18.56
C TYR C 271 -3.63 9.54 -17.18
N ILE C 272 -4.49 10.09 -16.33
CA ILE C 272 -4.56 9.62 -14.95
C ILE C 272 -5.79 8.69 -14.92
N THR C 273 -5.55 7.41 -14.60
CA THR C 273 -6.67 6.53 -14.31
C THR C 273 -6.20 5.53 -13.25
N GLY C 274 -7.14 5.08 -12.44
CA GLY C 274 -6.81 4.23 -11.30
C GLY C 274 -6.16 4.94 -10.13
N SER C 275 -6.18 6.28 -10.12
CA SER C 275 -5.53 6.98 -9.04
C SER C 275 -6.47 7.54 -8.06
N ILE C 276 -6.07 7.50 -6.81
CA ILE C 276 -6.90 8.04 -5.71
C ILE C 276 -6.11 9.13 -5.06
N ILE C 277 -6.64 10.37 -5.10
CA ILE C 277 -5.97 11.52 -4.56
C ILE C 277 -6.47 11.78 -3.16
N LYS C 278 -5.59 11.68 -2.15
CA LYS C 278 -5.95 12.08 -0.78
C LYS C 278 -6.03 13.59 -0.70
N VAL C 279 -7.10 14.05 -0.07
CA VAL C 279 -7.29 15.47 0.18
C VAL C 279 -7.59 15.53 1.67
N ASP C 280 -6.56 15.42 2.49
CA ASP C 280 -6.77 15.13 3.93
C ASP C 280 -5.88 15.98 4.87
N GLY C 281 -5.18 16.93 4.31
CA GLY C 281 -4.27 17.79 5.09
C GLY C 281 -3.16 17.04 5.78
N GLY C 282 -2.84 15.83 5.30
CA GLY C 282 -1.82 15.03 5.95
C GLY C 282 -2.31 14.10 7.03
N LEU C 283 -3.62 14.09 7.30
CA LEU C 283 -4.12 13.40 8.49
C LEU C 283 -3.76 11.90 8.48
N SER C 284 -3.84 11.27 7.31
CA SER C 284 -3.59 9.81 7.22
C SER C 284 -2.13 9.48 7.52
N LEU C 285 -1.24 10.49 7.52
CA LEU C 285 0.18 10.27 7.85
C LEU C 285 0.48 10.29 9.36
N VAL C 286 -0.53 10.64 10.16
CA VAL C 286 -0.32 10.88 11.58
C VAL C 286 -0.47 9.59 12.40
N HIS C 287 0.61 9.17 13.05
CA HIS C 287 0.52 7.94 13.87
C HIS C 287 -0.34 8.22 15.13
N ALA C 288 -0.80 7.14 15.74
CA ALA C 288 -1.60 7.16 16.95
C ALA C 288 -0.89 7.84 18.11
N GLU D 22 7.04 39.84 -6.80
CA GLU D 22 5.58 39.64 -7.06
C GLU D 22 5.25 38.31 -7.75
N ALA D 23 6.02 37.90 -8.79
CA ALA D 23 5.88 36.56 -9.35
C ALA D 23 6.57 35.53 -8.42
N PRO D 24 5.87 34.43 -8.10
CA PRO D 24 6.55 33.37 -7.35
C PRO D 24 7.75 32.75 -8.10
N ALA D 25 8.62 32.03 -7.36
CA ALA D 25 9.75 31.39 -8.01
C ALA D 25 9.81 29.89 -7.66
N ALA D 26 10.27 29.11 -8.62
CA ALA D 26 10.40 27.64 -8.48
C ALA D 26 11.78 27.17 -8.86
N VAL D 27 12.27 26.18 -8.09
CA VAL D 27 13.42 25.38 -8.52
C VAL D 27 12.99 24.05 -9.15
N VAL D 28 13.49 23.78 -10.34
CA VAL D 28 13.28 22.45 -10.94
C VAL D 28 14.64 21.80 -11.15
N THR D 29 14.85 20.60 -10.57
CA THR D 29 16.13 19.89 -10.80
C THR D 29 16.07 19.09 -12.10
N GLY D 30 17.22 18.91 -12.73
CA GLY D 30 17.33 18.14 -14.01
C GLY D 30 16.30 18.69 -15.01
N ALA D 31 16.25 20.02 -15.15
CA ALA D 31 15.18 20.69 -15.93
C ALA D 31 15.58 21.05 -17.38
N ALA D 32 16.77 20.65 -17.82
CA ALA D 32 17.23 20.97 -19.19
C ALA D 32 16.43 20.23 -20.23
N LYS D 33 15.98 19.00 -19.89
CA LYS D 33 15.46 18.11 -20.91
C LYS D 33 14.23 17.41 -20.40
N ARG D 34 13.49 16.81 -21.33
CA ARG D 34 12.46 15.82 -21.03
C ARG D 34 11.42 16.29 -20.00
N ILE D 35 11.13 15.48 -18.97
CA ILE D 35 10.03 15.83 -18.10
C ILE D 35 10.36 17.11 -17.30
N GLY D 36 11.59 17.28 -16.80
CA GLY D 36 11.85 18.44 -15.97
C GLY D 36 11.72 19.75 -16.78
N ARG D 37 12.11 19.67 -18.04
CA ARG D 37 11.95 20.84 -18.95
C ARG D 37 10.46 21.17 -19.11
N ALA D 38 9.62 20.14 -19.34
CA ALA D 38 8.20 20.39 -19.49
C ALA D 38 7.60 20.96 -18.19
N ILE D 39 8.07 20.52 -17.01
CA ILE D 39 7.69 21.15 -15.74
C ILE D 39 8.08 22.62 -15.67
N ALA D 40 9.34 22.90 -15.98
CA ALA D 40 9.83 24.26 -15.97
C ALA D 40 8.99 25.18 -16.90
N VAL D 41 8.79 24.70 -18.12
CA VAL D 41 7.98 25.43 -19.11
C VAL D 41 6.59 25.73 -18.54
N LYS D 42 5.91 24.72 -17.97
CA LYS D 42 4.55 24.91 -17.60
C LYS D 42 4.47 25.79 -16.35
N LEU D 43 5.44 25.68 -15.42
CA LEU D 43 5.49 26.56 -14.29
C LEU D 43 5.64 28.02 -14.77
N HIS D 44 6.51 28.19 -15.74
CA HIS D 44 6.80 29.54 -16.30
C HIS D 44 5.57 30.12 -16.97
N GLN D 45 4.88 29.30 -17.78
CA GLN D 45 3.59 29.66 -18.40
C GLN D 45 2.54 30.04 -17.36
N THR D 46 2.62 29.44 -16.19
CA THR D 46 1.76 29.69 -15.05
C THR D 46 2.06 30.99 -14.29
N GLY D 47 3.21 31.60 -14.49
CA GLY D 47 3.52 32.86 -13.80
C GLY D 47 4.78 32.82 -12.95
N TYR D 48 5.42 31.64 -12.88
CA TYR D 48 6.61 31.47 -12.06
C TYR D 48 7.86 31.94 -12.76
N ARG D 49 8.76 32.46 -11.93
CA ARG D 49 10.19 32.58 -12.31
C ARG D 49 10.90 31.25 -11.97
N VAL D 50 11.81 30.82 -12.83
CA VAL D 50 12.35 29.46 -12.70
C VAL D 50 13.87 29.37 -12.64
N VAL D 51 14.37 28.52 -11.70
CA VAL D 51 15.78 28.09 -11.72
C VAL D 51 15.80 26.78 -12.44
N ILE D 52 16.53 26.78 -13.53
CA ILE D 52 16.71 25.58 -14.30
C ILE D 52 17.98 24.90 -13.85
N HIS D 53 17.86 23.92 -12.94
CA HIS D 53 19.05 23.18 -12.52
C HIS D 53 19.47 22.16 -13.61
N TYR D 54 20.78 21.98 -13.80
CA TYR D 54 21.23 20.91 -14.72
C TYR D 54 22.57 20.36 -14.22
N HIS D 55 22.98 19.22 -14.77
CA HIS D 55 24.26 18.62 -14.46
C HIS D 55 25.17 18.71 -15.68
N ASN D 56 24.90 17.88 -16.69
CA ASN D 56 25.71 17.85 -17.91
C ASN D 56 25.10 18.63 -19.09
N SER D 57 23.79 18.80 -19.10
CA SER D 57 23.13 19.32 -20.31
C SER D 57 23.17 20.83 -20.31
N ALA D 58 24.39 21.37 -20.49
CA ALA D 58 24.64 22.81 -20.38
C ALA D 58 23.99 23.62 -21.50
N GLU D 59 24.20 23.20 -22.75
CA GLU D 59 23.62 23.90 -23.91
C GLU D 59 22.08 23.89 -23.80
N ALA D 60 21.48 22.70 -23.53
CA ALA D 60 20.01 22.56 -23.35
C ALA D 60 19.43 23.48 -22.26
N ALA D 61 20.09 23.51 -21.09
CA ALA D 61 19.70 24.38 -20.00
C ALA D 61 19.69 25.87 -20.38
N VAL D 62 20.81 26.35 -20.91
CA VAL D 62 20.95 27.75 -21.33
C VAL D 62 19.93 28.12 -22.44
N SER D 63 19.79 27.25 -23.42
CA SER D 63 18.80 27.39 -24.48
C SER D 63 17.35 27.50 -23.93
N LEU D 64 17.03 26.69 -22.92
CA LEU D 64 15.70 26.83 -22.27
C LEU D 64 15.55 28.18 -21.59
N ALA D 65 16.57 28.59 -20.82
CA ALA D 65 16.50 29.83 -20.04
C ALA D 65 16.33 31.04 -20.99
N ASP D 66 17.08 31.00 -22.10
CA ASP D 66 16.90 31.95 -23.26
C ASP D 66 15.46 32.01 -23.76
N GLU D 67 14.87 30.86 -24.10
CA GLU D 67 13.48 30.85 -24.55
C GLU D 67 12.54 31.49 -23.52
N LEU D 68 12.64 31.09 -22.24
CA LEU D 68 11.75 31.66 -21.19
C LEU D 68 11.95 33.17 -20.97
N ASN D 69 13.21 33.59 -20.99
CA ASN D 69 13.56 35.00 -20.83
C ASN D 69 13.11 35.87 -22.02
N LYS D 70 13.16 35.32 -23.24
CA LYS D 70 12.56 35.98 -24.43
C LYS D 70 11.08 36.29 -24.21
N GLU D 71 10.39 35.37 -23.53
CA GLU D 71 8.99 35.47 -23.26
C GLU D 71 8.69 36.45 -22.10
N ARG D 72 9.37 36.32 -20.97
CA ARG D 72 9.30 37.36 -19.93
C ARG D 72 10.71 37.59 -19.41
N SER D 73 11.31 38.76 -19.67
CA SER D 73 12.70 39.00 -19.32
C SER D 73 12.97 38.82 -17.80
N ASN D 74 14.13 38.28 -17.45
CA ASN D 74 14.55 38.12 -16.04
C ASN D 74 13.68 37.15 -15.27
N THR D 75 13.21 36.11 -15.95
CA THR D 75 12.34 35.13 -15.28
C THR D 75 12.95 33.69 -15.16
N ALA D 76 14.18 33.50 -15.67
CA ALA D 76 14.83 32.21 -15.76
C ALA D 76 16.31 32.35 -15.56
N VAL D 77 16.87 31.49 -14.71
CA VAL D 77 18.33 31.36 -14.62
C VAL D 77 18.64 29.88 -14.66
N VAL D 78 19.88 29.54 -14.98
CA VAL D 78 20.35 28.15 -14.86
C VAL D 78 21.23 28.04 -13.63
N CYS D 79 21.40 26.81 -13.14
CA CYS D 79 22.22 26.53 -11.98
C CYS D 79 22.78 25.16 -12.17
N GLN D 80 24.11 25.04 -12.27
CA GLN D 80 24.73 23.75 -12.52
C GLN D 80 25.05 23.02 -11.20
N ALA D 81 24.79 21.70 -11.13
CA ALA D 81 25.26 20.90 -9.97
C ALA D 81 25.18 19.40 -10.19
N ASP D 82 26.12 18.69 -9.54
CA ASP D 82 26.14 17.24 -9.56
C ASP D 82 25.36 16.84 -8.30
N LEU D 83 24.34 16.01 -8.46
CA LEU D 83 23.49 15.60 -7.34
C LEU D 83 23.81 14.18 -6.84
N THR D 84 24.95 13.68 -7.27
CA THR D 84 25.54 12.41 -6.73
C THR D 84 25.81 12.64 -5.25
N ASN D 85 25.54 11.63 -4.41
CA ASN D 85 25.91 11.71 -2.99
C ASN D 85 27.43 11.86 -2.75
N SER D 86 27.78 12.80 -1.89
CA SER D 86 29.19 13.02 -1.46
C SER D 86 29.16 13.91 -0.26
N ASN D 87 30.33 14.11 0.39
CA ASN D 87 30.42 15.08 1.49
C ASN D 87 30.17 16.53 1.13
N VAL D 88 30.20 16.86 -0.16
CA VAL D 88 29.85 18.21 -0.63
C VAL D 88 28.45 18.31 -1.23
N LEU D 89 27.74 17.21 -1.26
CA LEU D 89 26.35 17.30 -1.73
C LEU D 89 25.48 18.32 -0.96
N PRO D 90 25.61 18.41 0.40
CA PRO D 90 24.77 19.40 1.12
C PRO D 90 25.04 20.83 0.65
N ALA D 91 26.31 21.14 0.41
CA ALA D 91 26.64 22.45 -0.15
C ALA D 91 26.04 22.69 -1.53
N SER D 92 26.10 21.71 -2.42
CA SER D 92 25.51 21.86 -3.73
C SER D 92 24.02 22.11 -3.68
N CYS D 93 23.33 21.34 -2.89
CA CYS D 93 21.87 21.52 -2.70
C CYS D 93 21.56 22.89 -2.05
N GLU D 94 22.31 23.26 -1.03
CA GLU D 94 22.27 24.62 -0.50
C GLU D 94 22.45 25.69 -1.56
N GLU D 95 23.37 25.46 -2.51
CA GLU D 95 23.66 26.42 -3.57
C GLU D 95 22.52 26.51 -4.58
N ILE D 96 21.86 25.40 -4.86
CA ILE D 96 20.69 25.40 -5.75
C ILE D 96 19.58 26.27 -5.18
N ILE D 97 19.25 26.08 -3.91
CA ILE D 97 18.23 26.89 -3.28
C ILE D 97 18.69 28.35 -3.23
N ASN D 98 19.95 28.56 -2.83
CA ASN D 98 20.52 29.92 -2.80
C ASN D 98 20.43 30.68 -4.12
N SER D 99 20.59 29.96 -5.23
CA SER D 99 20.52 30.57 -6.56
CA SER D 99 20.53 30.59 -6.54
C SER D 99 19.14 31.14 -6.85
N CYS D 100 18.11 30.43 -6.38
CA CYS D 100 16.76 30.92 -6.53
C CYS D 100 16.59 32.21 -5.71
N PHE D 101 17.09 32.25 -4.48
CA PHE D 101 16.96 33.47 -3.70
C PHE D 101 17.82 34.61 -4.31
N ARG D 102 18.99 34.27 -4.83
CA ARG D 102 19.86 35.26 -5.45
C ARG D 102 19.19 35.93 -6.65
N ALA D 103 18.67 35.11 -7.56
CA ALA D 103 18.00 35.62 -8.76
C ALA D 103 16.67 36.28 -8.47
N PHE D 104 15.85 35.71 -7.57
CA PHE D 104 14.45 36.13 -7.44
C PHE D 104 13.99 36.65 -6.09
N GLY D 105 14.82 36.55 -5.05
CA GLY D 105 14.46 37.07 -3.72
C GLY D 105 13.49 36.18 -2.92
N ARG D 106 13.14 35.04 -3.51
CA ARG D 106 12.22 34.08 -2.83
C ARG D 106 12.35 32.70 -3.46
N CYS D 107 11.75 31.68 -2.80
CA CYS D 107 11.71 30.36 -3.40
C CYS D 107 10.46 29.68 -2.88
N ASP D 108 9.49 29.60 -3.76
CA ASP D 108 8.13 29.18 -3.42
C ASP D 108 7.89 27.67 -3.67
N VAL D 109 8.54 27.13 -4.67
CA VAL D 109 8.27 25.73 -5.13
C VAL D 109 9.62 25.07 -5.37
N LEU D 110 9.79 23.84 -4.88
CA LEU D 110 10.95 22.96 -5.26
C LEU D 110 10.36 21.75 -5.97
N VAL D 111 10.84 21.46 -7.17
CA VAL D 111 10.46 20.24 -7.86
C VAL D 111 11.69 19.34 -7.90
N ASN D 112 11.62 18.19 -7.20
CA ASN D 112 12.69 17.21 -7.23
C ASN D 112 12.52 16.21 -8.35
N ASN D 113 13.12 16.50 -9.50
CA ASN D 113 12.89 15.81 -10.76
C ASN D 113 14.16 15.06 -11.20
N ALA D 114 15.36 15.57 -10.86
CA ALA D 114 16.59 14.96 -11.39
C ALA D 114 16.67 13.51 -10.89
N SER D 115 17.16 12.61 -11.74
N SER D 115 17.15 12.59 -11.72
CA SER D 115 17.19 11.18 -11.43
CA SER D 115 17.25 11.20 -11.32
C SER D 115 18.24 10.47 -12.24
C SER D 115 18.18 10.44 -12.20
N ALA D 116 19.01 9.61 -11.58
CA ALA D 116 19.79 8.59 -12.27
C ALA D 116 18.96 7.33 -12.34
N PHE D 117 19.10 6.59 -13.44
CA PHE D 117 18.32 5.42 -13.69
C PHE D 117 19.12 4.42 -14.52
N TYR D 118 19.48 3.27 -13.97
CA TYR D 118 20.19 2.24 -14.71
C TYR D 118 20.24 0.99 -13.82
N PRO D 119 20.51 -0.18 -14.43
CA PRO D 119 20.45 -1.41 -13.66
C PRO D 119 21.65 -1.63 -12.75
N THR D 120 21.41 -2.28 -11.62
CA THR D 120 22.46 -2.65 -10.70
C THR D 120 22.16 -4.11 -10.30
N PRO D 121 22.47 -5.11 -11.18
CA PRO D 121 22.14 -6.52 -10.86
C PRO D 121 22.78 -6.99 -9.56
N LEU D 122 22.05 -7.82 -8.83
CA LEU D 122 22.53 -8.33 -7.55
C LEU D 122 23.53 -9.44 -7.78
N VAL D 123 23.43 -10.10 -8.94
CA VAL D 123 24.32 -11.24 -9.24
C VAL D 123 25.06 -11.09 -10.57
N LYS D 134 31.35 1.26 -13.31
CA LYS D 134 31.31 2.04 -12.07
C LYS D 134 31.40 1.09 -10.89
N THR D 135 32.08 1.53 -9.84
CA THR D 135 32.17 0.76 -8.61
C THR D 135 30.75 0.83 -7.99
N VAL D 136 30.49 -0.12 -7.09
CA VAL D 136 29.18 -0.17 -6.44
C VAL D 136 28.98 1.10 -5.59
N GLU D 137 30.04 1.57 -4.92
CA GLU D 137 29.84 2.79 -4.13
CA GLU D 137 30.00 2.83 -4.16
C GLU D 137 29.51 4.02 -5.01
N THR D 138 29.99 4.10 -6.26
CA THR D 138 29.49 5.14 -7.20
C THR D 138 28.01 4.92 -7.61
N GLN D 139 27.61 3.66 -7.84
CA GLN D 139 26.21 3.39 -8.16
C GLN D 139 25.28 3.83 -7.02
N VAL D 140 25.71 3.54 -5.79
CA VAL D 140 24.95 3.94 -4.59
C VAL D 140 24.88 5.46 -4.53
N ALA D 141 26.04 6.14 -4.66
CA ALA D 141 26.07 7.58 -4.63
C ALA D 141 25.18 8.22 -5.66
N GLU D 142 25.13 7.67 -6.86
CA GLU D 142 24.29 8.21 -7.93
C GLU D 142 22.82 7.91 -7.82
N LEU D 143 22.51 6.64 -7.63
CA LEU D 143 21.10 6.21 -7.68
C LEU D 143 20.39 6.58 -6.38
N ILE D 144 21.07 6.45 -5.25
CA ILE D 144 20.50 6.92 -3.96
C ILE D 144 20.70 8.43 -3.75
N GLY D 145 21.86 8.95 -4.15
CA GLY D 145 22.04 10.42 -4.09
C GLY D 145 21.05 11.24 -4.86
N THR D 146 20.94 11.03 -6.19
CA THR D 146 20.03 11.80 -7.02
C THR D 146 18.59 11.62 -6.65
N ASN D 147 18.19 10.36 -6.37
CA ASN D 147 16.76 10.03 -6.20
C ASN D 147 16.25 10.28 -4.81
N ALA D 148 17.15 10.34 -3.84
CA ALA D 148 16.73 10.44 -2.45
C ALA D 148 17.48 11.41 -1.60
N ILE D 149 18.82 11.33 -1.55
CA ILE D 149 19.59 12.19 -0.67
CA ILE D 149 19.54 12.21 -0.63
C ILE D 149 19.51 13.67 -1.10
N ALA D 150 19.70 13.92 -2.38
CA ALA D 150 19.64 15.32 -2.90
C ALA D 150 18.23 15.89 -2.66
N PRO D 151 17.17 15.08 -2.96
CA PRO D 151 15.87 15.60 -2.52
C PRO D 151 15.77 15.95 -1.03
N PHE D 152 16.31 15.10 -0.14
CA PHE D 152 16.22 15.40 1.29
C PHE D 152 16.98 16.72 1.59
N LEU D 153 18.19 16.84 1.03
CA LEU D 153 19.03 18.01 1.31
C LEU D 153 18.44 19.32 0.75
N LEU D 154 17.92 19.23 -0.47
CA LEU D 154 17.17 20.34 -1.11
C LEU D 154 15.92 20.76 -0.30
N THR D 155 15.21 19.75 0.22
CA THR D 155 14.08 19.96 1.10
C THR D 155 14.49 20.70 2.36
N MET D 156 15.60 20.26 2.99
CA MET D 156 16.16 20.91 4.19
CA MET D 156 16.12 20.90 4.19
C MET D 156 16.49 22.38 3.92
N SER D 157 17.23 22.60 2.83
CA SER D 157 17.68 23.91 2.43
C SER D 157 16.49 24.83 2.12
N PHE D 158 15.53 24.32 1.33
CA PHE D 158 14.28 25.02 1.03
C PHE D 158 13.56 25.43 2.33
N ALA D 159 13.37 24.51 3.25
CA ALA D 159 12.64 24.79 4.45
C ALA D 159 13.37 25.78 5.36
N GLN D 160 14.70 25.66 5.42
CA GLN D 160 15.49 26.51 6.30
C GLN D 160 15.51 27.96 5.81
N ARG D 161 15.59 28.14 4.48
CA ARG D 161 15.65 29.49 3.91
C ARG D 161 14.35 30.27 4.00
N GLN D 162 13.24 29.60 4.36
CA GLN D 162 11.91 30.23 4.42
C GLN D 162 11.76 31.13 5.64
N SER D 172 1.08 33.06 1.09
CA SER D 172 2.03 32.26 0.33
C SER D 172 1.49 30.82 0.11
N ASN D 173 2.05 30.15 -0.89
CA ASN D 173 1.65 28.79 -1.18
C ASN D 173 2.97 28.03 -1.47
N LEU D 174 3.65 27.67 -0.41
CA LEU D 174 4.95 26.99 -0.57
C LEU D 174 4.68 25.51 -0.74
N SER D 175 5.39 24.89 -1.69
CA SER D 175 5.26 23.42 -1.78
C SER D 175 6.42 22.78 -2.52
N ILE D 176 6.54 21.48 -2.29
CA ILE D 176 7.58 20.68 -2.87
C ILE D 176 6.86 19.57 -3.62
N VAL D 177 7.33 19.26 -4.81
CA VAL D 177 6.83 18.10 -5.57
C VAL D 177 8.00 17.20 -5.90
N ASN D 178 7.90 15.95 -5.45
CA ASN D 178 8.89 14.91 -5.77
C ASN D 178 8.44 14.02 -6.92
N LEU D 179 9.31 13.80 -7.91
CA LEU D 179 8.98 12.87 -8.99
C LEU D 179 9.34 11.44 -8.57
N CYS D 180 8.29 10.66 -8.39
CA CYS D 180 8.35 9.31 -7.84
C CYS D 180 8.25 8.32 -8.99
N ASP D 181 7.74 7.10 -8.76
CA ASP D 181 7.67 6.09 -9.82
CA ASP D 181 7.64 6.10 -9.81
C ASP D 181 6.43 5.24 -9.51
N ALA D 182 5.46 5.20 -10.42
CA ALA D 182 4.22 4.47 -10.13
C ALA D 182 4.46 2.93 -10.02
N MET D 183 5.59 2.49 -10.54
CA MET D 183 5.97 1.09 -10.61
C MET D 183 6.86 0.67 -9.40
N VAL D 184 6.85 1.45 -8.33
CA VAL D 184 7.77 1.15 -7.21
C VAL D 184 7.57 -0.18 -6.54
N ASP D 185 6.35 -0.68 -6.59
CA ASP D 185 6.05 -1.96 -5.95
C ASP D 185 6.00 -3.14 -6.98
N GLN D 186 6.23 -2.83 -8.24
CA GLN D 186 6.36 -3.85 -9.27
C GLN D 186 7.61 -3.50 -10.08
N PRO D 187 8.77 -3.62 -9.43
CA PRO D 187 10.03 -3.09 -9.96
C PRO D 187 10.53 -3.78 -11.24
N CSX D 188 11.22 -3.03 -12.10
CA CSX D 188 12.03 -3.61 -13.21
CB CSX D 188 12.77 -2.47 -13.95
SG CSX D 188 11.71 -1.33 -14.89
C CSX D 188 13.03 -4.55 -12.56
O CSX D 188 13.67 -4.23 -11.57
OD CSX D 188 10.97 -2.21 -15.85
N MET D 189 13.21 -5.75 -13.09
CA MET D 189 14.19 -6.67 -12.48
C MET D 189 15.63 -6.09 -12.63
N ALA D 190 16.48 -6.34 -11.62
CA ALA D 190 17.86 -5.82 -11.60
C ALA D 190 18.04 -4.30 -11.41
N PHE D 191 16.98 -3.63 -10.93
CA PHE D 191 17.03 -2.19 -10.64
C PHE D 191 16.88 -1.93 -9.15
N SER D 192 17.48 -2.80 -8.32
CA SER D 192 17.28 -2.66 -6.87
CA SER D 192 17.39 -2.68 -6.84
C SER D 192 17.72 -1.30 -6.31
N LEU D 193 18.91 -0.81 -6.67
CA LEU D 193 19.31 0.45 -6.12
C LEU D 193 18.44 1.63 -6.55
N TYR D 194 18.06 1.69 -7.84
CA TYR D 194 17.08 2.66 -8.29
C TYR D 194 15.76 2.57 -7.51
N ASN D 195 15.26 1.34 -7.33
CA ASN D 195 13.97 1.19 -6.76
C ASN D 195 14.06 1.58 -5.27
N MET D 196 15.20 1.25 -4.65
CA MET D 196 15.42 1.65 -3.26
C MET D 196 15.37 3.20 -3.14
N GLY D 197 16.00 3.92 -4.09
CA GLY D 197 16.05 5.40 -4.06
C GLY D 197 14.64 5.93 -4.15
N LYS D 198 13.87 5.34 -5.03
CA LYS D 198 12.51 5.88 -5.22
C LYS D 198 11.58 5.53 -4.06
N HIS D 199 11.81 4.37 -3.41
CA HIS D 199 11.05 4.06 -2.20
C HIS D 199 11.44 5.03 -1.10
N ALA D 200 12.74 5.32 -0.98
CA ALA D 200 13.16 6.38 -0.03
C ALA D 200 12.48 7.74 -0.32
N LEU D 201 12.30 8.05 -1.59
CA LEU D 201 11.68 9.33 -1.98
C LEU D 201 10.19 9.41 -1.50
N VAL D 202 9.49 8.27 -1.57
CA VAL D 202 8.10 8.15 -0.99
C VAL D 202 8.18 8.42 0.53
N GLY D 203 9.13 7.75 1.22
CA GLY D 203 9.31 8.05 2.65
C GLY D 203 9.57 9.51 2.93
N LEU D 204 10.45 10.10 2.13
CA LEU D 204 10.74 11.51 2.30
C LEU D 204 9.46 12.37 2.12
N THR D 205 8.73 12.10 1.04
CA THR D 205 7.52 12.84 0.72
C THR D 205 6.60 12.81 1.96
N GLN D 206 6.38 11.62 2.55
CA GLN D 206 5.49 11.55 3.70
C GLN D 206 6.10 12.23 4.93
N SER D 207 7.38 11.94 5.23
CA SER D 207 8.03 12.51 6.44
C SER D 207 8.09 14.02 6.36
N ALA D 208 8.47 14.54 5.20
CA ALA D 208 8.52 15.99 5.05
C ALA D 208 7.14 16.67 5.03
N ALA D 209 6.14 16.01 4.42
CA ALA D 209 4.77 16.57 4.55
C ALA D 209 4.39 16.72 6.02
N LEU D 210 4.66 15.68 6.82
CA LEU D 210 4.32 15.73 8.23
CA LEU D 210 4.33 15.74 8.24
C LEU D 210 5.06 16.87 8.95
N GLU D 211 6.37 16.94 8.76
CA GLU D 211 7.21 17.86 9.54
C GLU D 211 7.10 19.34 9.14
N LEU D 212 6.90 19.60 7.86
CA LEU D 212 6.82 20.94 7.33
C LEU D 212 5.42 21.54 7.26
N ALA D 213 4.38 20.72 7.47
CA ALA D 213 2.99 21.23 7.51
C ALA D 213 2.81 22.44 8.50
N PRO D 214 3.39 22.38 9.71
CA PRO D 214 3.34 23.58 10.61
C PRO D 214 3.98 24.81 9.99
N TYR D 215 4.86 24.66 9.01
CA TYR D 215 5.44 25.84 8.35
C TYR D 215 4.67 26.29 7.09
N GLY D 216 3.52 25.64 6.81
CA GLY D 216 2.75 25.90 5.58
C GLY D 216 3.37 25.41 4.28
N ILE D 217 4.29 24.42 4.39
CA ILE D 217 4.92 23.88 3.19
C ILE D 217 4.28 22.50 2.97
N ARG D 218 3.64 22.35 1.81
CA ARG D 218 2.98 21.12 1.40
C ARG D 218 4.02 20.29 0.64
N VAL D 219 3.94 18.96 0.75
CA VAL D 219 4.95 18.09 0.12
C VAL D 219 4.24 16.94 -0.55
N ASN D 220 4.34 16.84 -1.88
CA ASN D 220 3.51 15.83 -2.56
C ASN D 220 4.36 15.21 -3.61
N GLY D 221 3.82 14.24 -4.33
CA GLY D 221 4.57 13.53 -5.35
C GLY D 221 3.76 13.32 -6.62
N VAL D 222 4.45 13.04 -7.70
CA VAL D 222 3.84 12.72 -8.97
C VAL D 222 4.62 11.51 -9.43
N ALA D 223 3.91 10.44 -9.78
CA ALA D 223 4.50 9.16 -10.04
C ALA D 223 4.17 8.72 -11.48
N PRO D 224 5.08 8.94 -12.43
CA PRO D 224 4.90 8.46 -13.81
C PRO D 224 4.97 6.95 -13.86
N GLY D 225 4.25 6.32 -14.82
CA GLY D 225 4.48 4.93 -15.13
C GLY D 225 5.51 4.94 -16.26
N VAL D 226 5.09 4.72 -17.49
CA VAL D 226 5.98 4.97 -18.64
C VAL D 226 5.65 6.32 -19.23
N SER D 227 6.64 7.19 -19.23
CA SER D 227 6.54 8.48 -19.87
C SER D 227 7.67 8.42 -20.90
N LEU D 228 8.37 9.53 -21.15
CA LEU D 228 9.33 9.55 -22.27
C LEU D 228 10.39 8.49 -22.02
N LEU D 229 10.48 7.61 -23.01
CA LEU D 229 11.26 6.39 -22.87
C LEU D 229 12.73 6.70 -23.13
N PRO D 230 13.67 5.79 -22.76
CA PRO D 230 15.09 6.19 -22.90
C PRO D 230 15.50 6.39 -24.36
N VAL D 231 16.23 7.49 -24.63
CA VAL D 231 16.85 7.79 -25.97
C VAL D 231 17.44 6.51 -26.59
N ALA D 232 18.27 5.85 -25.78
CA ALA D 232 18.97 4.59 -26.05
C ALA D 232 18.09 3.37 -26.39
N MET D 233 16.87 3.34 -25.86
CA MET D 233 15.99 2.16 -26.04
C MET D 233 15.55 2.00 -27.50
N GLY D 234 15.57 0.75 -28.01
CA GLY D 234 15.10 0.42 -29.38
C GLY D 234 13.60 0.63 -29.54
N GLU D 235 13.16 0.92 -30.78
CA GLU D 235 11.73 1.22 -31.08
C GLU D 235 10.81 0.03 -30.77
N GLU D 236 11.31 -1.19 -31.05
CA GLU D 236 10.62 -2.43 -30.71
C GLU D 236 10.36 -2.55 -29.19
N GLU D 237 11.39 -2.27 -28.36
CA GLU D 237 11.25 -2.33 -26.89
C GLU D 237 10.32 -1.22 -26.38
N LYS D 238 10.42 -0.01 -26.96
CA LYS D 238 9.48 1.07 -26.65
C LYS D 238 8.04 0.66 -26.95
N ASP D 239 7.80 -0.05 -28.05
CA ASP D 239 6.42 -0.46 -28.37
C ASP D 239 5.86 -1.57 -27.48
N LYS D 240 6.78 -2.39 -26.98
CA LYS D 240 6.49 -3.45 -26.03
C LYS D 240 5.88 -2.81 -24.75
N TRP D 241 6.53 -1.77 -24.24
CA TRP D 241 6.03 -1.03 -23.09
C TRP D 241 4.75 -0.25 -23.37
N ARG D 242 4.72 0.47 -24.48
CA ARG D 242 3.52 1.23 -24.85
C ARG D 242 2.28 0.33 -24.87
N ARG D 243 2.43 -0.88 -25.42
CA ARG D 243 1.32 -1.88 -25.57
C ARG D 243 0.72 -2.34 -24.23
N LYS D 244 1.48 -2.19 -23.16
CA LYS D 244 1.05 -2.62 -21.82
C LYS D 244 0.08 -1.58 -21.13
N VAL D 245 0.11 -0.36 -21.59
CA VAL D 245 -0.65 0.74 -20.94
C VAL D 245 -2.14 0.68 -21.29
N PRO D 246 -3.01 0.48 -20.26
CA PRO D 246 -4.45 0.39 -20.55
C PRO D 246 -5.00 1.61 -21.25
N LEU D 247 -4.65 2.80 -20.78
CA LEU D 247 -5.25 4.00 -21.29
C LEU D 247 -4.43 4.50 -22.47
N GLY D 248 -4.80 4.01 -23.65
CA GLY D 248 -4.32 4.54 -24.91
C GLY D 248 -3.17 3.75 -25.52
N ARG D 249 -2.64 2.77 -24.81
CA ARG D 249 -1.50 1.98 -25.31
C ARG D 249 -0.35 2.90 -25.75
N ARG D 250 -0.07 3.91 -24.92
CA ARG D 250 1.02 4.85 -25.23
C ARG D 250 1.62 5.33 -23.90
N GLU D 251 2.88 5.78 -23.93
CA GLU D 251 3.55 6.51 -22.84
C GLU D 251 2.93 7.92 -22.53
N ALA D 252 3.09 8.41 -21.29
CA ALA D 252 2.70 9.78 -20.96
C ALA D 252 3.58 10.74 -21.70
N SER D 253 2.99 11.79 -22.24
CA SER D 253 3.80 12.95 -22.62
C SER D 253 4.48 13.59 -21.38
N ALA D 254 5.61 14.28 -21.59
CA ALA D 254 6.18 15.06 -20.52
C ALA D 254 5.17 16.09 -20.00
N GLU D 255 4.36 16.68 -20.88
CA GLU D 255 3.38 17.71 -20.46
C GLU D 255 2.25 17.14 -19.55
N GLN D 256 1.86 15.92 -19.84
CA GLN D 256 0.88 15.20 -18.96
C GLN D 256 1.43 15.06 -17.53
N ILE D 257 2.72 14.77 -17.42
CA ILE D 257 3.40 14.73 -16.10
C ILE D 257 3.41 16.11 -15.47
N ALA D 258 3.89 17.13 -16.23
CA ALA D 258 3.88 18.47 -15.73
C ALA D 258 2.52 18.92 -15.29
N ASP D 259 1.46 18.53 -16.01
CA ASP D 259 0.11 18.93 -15.57
C ASP D 259 -0.23 18.55 -14.09
N ALA D 260 0.18 17.34 -13.65
CA ALA D 260 -0.06 16.95 -12.27
C ALA D 260 0.78 17.78 -11.29
N VAL D 261 2.03 18.11 -11.70
CA VAL D 261 2.88 18.99 -10.87
C VAL D 261 2.19 20.33 -10.67
N ILE D 262 1.71 20.91 -11.78
CA ILE D 262 1.03 22.21 -11.77
C ILE D 262 -0.18 22.19 -10.85
N PHE D 263 -0.97 21.11 -10.91
CA PHE D 263 -2.07 20.98 -9.96
C PHE D 263 -1.58 21.04 -8.53
N LEU D 264 -0.58 20.24 -8.19
CA LEU D 264 -0.16 20.11 -6.78
C LEU D 264 0.45 21.39 -6.22
N VAL D 265 1.09 22.17 -7.10
CA VAL D 265 1.60 23.49 -6.62
C VAL D 265 0.53 24.57 -6.54
N SER D 266 -0.59 24.39 -7.27
CA SER D 266 -1.64 25.44 -7.39
C SER D 266 -2.46 25.62 -6.13
N GLY D 267 -3.21 26.73 -6.08
CA GLY D 267 -4.24 26.98 -5.07
C GLY D 267 -5.38 25.98 -5.00
N SER D 268 -5.57 25.14 -6.03
CA SER D 268 -6.60 24.06 -5.97
C SER D 268 -6.14 22.82 -5.23
N ALA D 269 -4.89 22.86 -4.71
CA ALA D 269 -4.36 21.72 -3.94
C ALA D 269 -3.95 22.12 -2.52
N GLN D 270 -4.52 23.22 -2.01
CA GLN D 270 -4.08 23.74 -0.70
C GLN D 270 -4.28 22.88 0.49
N TYR D 271 -5.17 21.88 0.42
CA TYR D 271 -5.36 20.99 1.55
C TYR D 271 -4.67 19.61 1.28
N ILE D 272 -3.92 19.51 0.17
CA ILE D 272 -3.27 18.26 -0.20
C ILE D 272 -1.82 18.27 0.27
N THR D 273 -1.49 17.35 1.18
CA THR D 273 -0.07 17.13 1.49
C THR D 273 0.17 15.65 1.76
N GLY D 274 1.36 15.18 1.41
CA GLY D 274 1.69 13.75 1.58
C GLY D 274 1.06 12.86 0.55
N SER D 275 0.44 13.41 -0.49
CA SER D 275 -0.17 12.56 -1.54
C SER D 275 0.74 12.37 -2.72
N ILE D 276 0.70 11.15 -3.27
CA ILE D 276 1.43 10.86 -4.52
C ILE D 276 0.41 10.54 -5.62
N ILE D 277 0.40 11.34 -6.67
CA ILE D 277 -0.56 11.15 -7.76
C ILE D 277 0.08 10.29 -8.86
N LYS D 278 -0.47 9.10 -9.13
CA LYS D 278 0.06 8.28 -10.26
C LYS D 278 -0.46 8.92 -11.51
N VAL D 279 0.43 9.04 -12.50
CA VAL D 279 0.11 9.51 -13.86
C VAL D 279 0.64 8.38 -14.78
N ASP D 280 -0.01 7.22 -14.75
CA ASP D 280 0.54 6.09 -15.52
C ASP D 280 -0.43 5.32 -16.41
N GLY D 281 -1.52 5.95 -16.79
CA GLY D 281 -2.53 5.33 -17.70
C GLY D 281 -3.03 3.97 -17.27
N GLY D 282 -2.97 3.70 -15.95
CA GLY D 282 -3.39 2.42 -15.40
C GLY D 282 -2.35 1.33 -15.41
N LEU D 283 -1.10 1.65 -15.75
CA LEU D 283 -0.10 0.60 -15.96
C LEU D 283 0.14 -0.21 -14.68
N SER D 284 0.11 0.46 -13.52
CA SER D 284 0.44 -0.22 -12.28
C SER D 284 -0.69 -1.15 -11.83
N LEU D 285 -1.82 -1.05 -12.49
CA LEU D 285 -2.96 -1.93 -12.20
C LEU D 285 -2.88 -3.24 -12.93
N VAL D 286 -1.99 -3.34 -13.91
CA VAL D 286 -1.94 -4.49 -14.83
C VAL D 286 -1.11 -5.62 -14.24
N HIS D 287 -1.72 -6.80 -14.04
CA HIS D 287 -0.96 -8.00 -13.54
C HIS D 287 0.05 -8.56 -14.57
N ALA D 288 0.97 -9.42 -14.10
CA ALA D 288 2.03 -10.03 -14.97
C ALA D 288 1.37 -10.83 -16.08
PA NAP E . -12.79 -22.31 -4.23
O1A NAP E . -12.43 -23.78 -4.47
O2A NAP E . -12.98 -21.36 -5.38
O5B NAP E . -14.06 -22.16 -3.26
C5B NAP E . -13.98 -22.80 -1.98
C4B NAP E . -15.39 -23.17 -1.55
O4B NAP E . -16.22 -21.98 -1.43
C3B NAP E . -16.16 -24.01 -2.54
O3B NAP E . -15.84 -25.42 -2.44
C2B NAP E . -17.61 -23.76 -2.08
O2B NAP E . -18.13 -24.86 -1.29
C1B NAP E . -17.53 -22.44 -1.23
N9A NAP E . -18.58 -21.55 -1.79
C8A NAP E . -18.68 -20.98 -3.02
N7A NAP E . -19.86 -20.29 -3.15
C5A NAP E . -20.51 -20.46 -1.98
C6A NAP E . -21.83 -20.02 -1.42
N6A NAP E . -22.60 -19.28 -2.22
N1A NAP E . -22.14 -20.39 -0.13
C2A NAP E . -21.31 -21.14 0.65
N3A NAP E . -20.09 -21.59 0.21
C4A NAP E . -19.68 -21.26 -1.07
O3 NAP E . -11.64 -21.78 -3.23
PN NAP E . -10.05 -22.08 -3.32
O1N NAP E . -9.83 -23.32 -2.43
O2N NAP E . -9.67 -22.12 -4.77
O5D NAP E . -9.39 -20.83 -2.54
C5D NAP E . -9.47 -20.73 -1.10
C4D NAP E . -9.54 -19.24 -0.74
O4D NAP E . -8.41 -18.59 -1.34
C3D NAP E . -10.77 -18.50 -1.29
O3D NAP E . -11.23 -17.57 -0.28
C2D NAP E . -10.26 -17.77 -2.52
O2D NAP E . -11.03 -16.59 -2.83
C1D NAP E . -8.81 -17.47 -2.16
N1N NAP E . -7.98 -17.43 -3.37
C2N NAP E . -7.62 -18.59 -4.05
C3N NAP E . -6.77 -18.55 -5.16
C7N NAP E . -6.43 -19.81 -5.90
O7N NAP E . -5.46 -19.80 -6.66
N7N NAP E . -7.23 -20.90 -5.74
C4N NAP E . -6.28 -17.29 -5.60
C5N NAP E . -6.62 -16.13 -4.86
C6N NAP E . -7.49 -16.22 -3.76
P2B NAP E . -18.95 -26.14 -1.86
O1X NAP E . -19.35 -26.88 -0.58
O2X NAP E . -17.92 -26.78 -2.79
O3X NAP E . -20.15 -25.67 -2.67
CAI 6QT F . -7.66 -19.36 -9.28
CAH 6QT F . -8.80 -19.81 -8.52
OAS 6QT F . -9.14 -21.03 -8.61
CAE 6QT F . -9.49 -18.94 -7.61
CAD 6QT F . -10.54 -19.40 -6.76
CAC 6QT F . -11.20 -18.47 -5.91
OAQ 6QT F . -12.21 -18.81 -5.06
CAB 6QT F . -10.81 -17.13 -5.89
CAA 6QT F . -9.78 -16.66 -6.69
CAF 6QT F . -9.14 -17.56 -7.56
OAG 6QT F . -8.12 -17.08 -8.35
CAJ 6QT F . -7.77 -17.83 -9.57
CAM 6QT F . -6.65 -17.22 -10.24
CAN 6QT F . -5.90 -16.18 -9.65
CAO 6QT F . -4.81 -15.59 -10.35
OAR 6QT F . -4.06 -14.58 -9.81
CAP 6QT F . -4.50 -16.05 -11.64
CAK 6QT F . -5.24 -17.08 -12.24
CAL 6QT F . -6.30 -17.65 -11.54
C ACT G . -9.64 -31.98 -2.39
O ACT G . -8.60 -32.04 -1.70
OXT ACT G . -9.82 -31.07 -3.23
CH3 ACT G . -10.67 -33.07 -2.18
PA NAP H . 18.56 -1.58 18.03
O1A NAP H . 18.81 -2.15 19.41
O2A NAP H . 18.10 -0.16 17.84
O5B NAP H . 19.84 -1.77 17.03
C5B NAP H . 20.26 -3.10 16.69
C4B NAP H . 21.78 -3.14 16.61
O4B NAP H . 22.10 -2.37 15.47
C3B NAP H . 22.55 -2.42 17.72
O3B NAP H . 22.77 -3.20 18.94
C2B NAP H . 23.86 -2.05 16.99
O2B NAP H . 24.94 -2.96 17.33
C1B NAP H . 23.50 -2.27 15.50
N9A NAP H . 23.98 -1.08 14.82
C8A NAP H . 23.58 0.20 15.05
N7A NAP H . 24.32 1.09 14.33
C5A NAP H . 25.23 0.33 13.63
C6A NAP H . 26.34 0.62 12.68
N6A NAP H . 26.62 1.89 12.30
N1A NAP H . 27.02 -0.46 12.22
C2A NAP H . 26.78 -1.75 12.56
N3A NAP H . 25.78 -2.12 13.42
C4A NAP H . 25.01 -1.10 13.96
O3 NAP H . 17.54 -2.58 17.29
PN NAP H . 16.19 -3.20 17.91
O1N NAP H . 16.61 -4.46 18.59
O2N NAP H . 15.34 -2.18 18.68
O5D NAP H . 15.37 -3.59 16.55
C5D NAP H . 15.79 -4.62 15.66
C4D NAP H . 15.30 -4.22 14.26
O4D NAP H . 13.88 -3.91 14.31
C3D NAP H . 16.00 -2.98 13.70
O3D NAP H . 16.22 -3.11 12.28
C2D NAP H . 15.02 -1.85 13.96
O2D NAP H . 15.01 -0.74 13.01
C1D NAP H . 13.69 -2.59 13.78
N1N NAP H . 12.63 -1.96 14.56
C2N NAP H . 12.65 -2.02 15.93
C3N NAP H . 11.59 -1.44 16.65
C7N NAP H . 11.51 -1.46 18.16
O7N NAP H . 10.40 -1.16 18.62
N7N NAP H . 12.59 -1.84 18.90
C4N NAP H . 10.57 -0.81 15.93
C5N NAP H . 10.59 -0.77 14.54
C6N NAP H . 11.65 -1.37 13.84
P2B NAP H . 26.04 -2.72 18.49
O1X NAP H . 26.85 -4.00 18.34
O2X NAP H . 25.16 -2.75 19.72
O3X NAP H . 26.82 -1.44 18.23
CAI 6QT I . 11.71 1.93 19.56
CAH 6QT I . 13.06 1.58 19.28
OAS 6QT I . 13.82 1.44 20.24
CAE 6QT I . 13.51 1.43 17.92
CAD 6QT I . 14.78 0.95 17.61
CAC 6QT I . 15.20 0.83 16.27
OAQ 6QT I . 16.45 0.35 15.93
CAB 6QT I . 14.34 1.15 15.22
CAA 6QT I . 13.06 1.59 15.49
CAF 6QT I . 12.68 1.73 16.84
OAG 6QT I . 11.41 2.15 17.08
CAJ 6QT I . 11.14 2.78 18.43
CAM 6QT I . 9.78 3.10 18.58
CAN 6QT I . 8.80 2.78 17.59
CAO 6QT I . 7.43 3.13 17.75
OAR 6QT I . 6.52 2.81 16.78
CAP 6QT I . 7.05 3.82 18.91
CAK 6QT I . 8.03 4.15 19.90
CAL 6QT I . 9.38 3.80 19.74
PA NAP J . -22.72 12.88 3.53
O1A NAP J . -23.24 14.25 3.80
O2A NAP J . -22.45 11.93 4.67
O5B NAP J . -23.75 12.16 2.52
C5B NAP J . -23.83 12.60 1.16
C4B NAP J . -25.19 12.35 0.56
O4B NAP J . -25.32 10.94 0.38
C3B NAP J . -26.39 12.69 1.47
O3B NAP J . -26.74 14.09 1.50
C2B NAP J . -27.50 11.76 0.96
O2B NAP J . -28.50 12.37 0.12
C1B NAP J . -26.71 10.68 0.20
N9A NAP J . -27.18 9.38 0.73
C8A NAP J . -27.01 8.87 1.97
N7A NAP J . -27.65 7.67 2.10
C5A NAP J . -28.27 7.43 0.91
C6A NAP J . -29.15 6.37 0.33
N6A NAP J . -29.51 5.27 1.05
N1A NAP J . -29.58 6.56 -0.96
C2A NAP J . -29.24 7.64 -1.71
N3A NAP J . -28.45 8.64 -1.27
C4A NAP J . -27.97 8.59 0.02
O3 NAP J . -21.41 12.98 2.57
PN NAP J . -20.26 14.10 2.68
O1N NAP J . -20.74 15.29 1.87
O2N NAP J . -19.91 14.18 4.14
O5D NAP J . -19.06 13.38 1.85
C5D NAP J . -19.21 13.06 0.46
C4D NAP J . -18.31 11.88 0.09
O4D NAP J . -17.00 11.96 0.73
C3D NAP J . -18.93 10.60 0.59
O3D NAP J . -18.66 9.58 -0.37
C2D NAP J . -18.20 10.24 1.86
O2D NAP J . -18.23 8.84 2.21
C1D NAP J . -16.81 10.78 1.54
N1N NAP J . -16.08 11.16 2.77
C2N NAP J . -16.39 12.31 3.46
C3N NAP J . -15.67 12.68 4.61
C7N NAP J . -15.95 13.91 5.42
O7N NAP J . -15.12 14.27 6.24
N7N NAP J . -17.06 14.65 5.29
C4N NAP J . -14.67 11.80 5.01
C5N NAP J . -14.36 10.63 4.30
C6N NAP J . -15.08 10.33 3.17
P2B NAP J . -29.95 12.95 0.52
O1X NAP J . -29.44 14.04 1.42
O2X NAP J . -30.82 11.99 1.26
O3X NAP J . -30.53 13.32 -0.81
CAI 6QT K . -17.09 12.91 8.75
CAH 6QT K . -18.21 12.81 7.89
OAS 6QT K . -19.06 13.71 7.93
CAE 6QT K . -18.34 11.72 6.99
CAD 6QT K . -19.43 11.58 6.10
CAC 6QT K . -19.53 10.50 5.21
OAQ 6QT K . -20.58 10.37 4.36
CAB 6QT K . -18.54 9.50 5.21
CAA 6QT K . -17.45 9.60 6.08
CAF 6QT K . -17.36 10.69 6.97
OAG 6QT K . -16.28 10.78 7.81
CAJ 6QT K . -16.51 11.51 9.08
CAM 6QT K . -15.32 11.54 9.86
CAN 6QT K . -14.13 10.99 9.36
CAO 6QT K . -12.94 10.98 10.10
OAR 6QT K . -11.82 10.41 9.56
CAP 6QT K . -12.94 11.54 11.39
CAK 6QT K . -14.11 12.12 11.90
CAL 6QT K . -15.30 12.11 11.15
C ACT L . -35.68 20.03 -12.61
O ACT L . -35.21 18.87 -12.67
OXT ACT L . -36.29 20.55 -13.60
CH3 ACT L . -35.53 20.85 -11.35
PA NAP M . 15.75 11.56 -16.98
O1A NAP M . 15.66 12.27 -18.35
O2A NAP M . 16.09 10.09 -16.91
O5B NAP M . 16.68 12.41 -15.93
C5B NAP M . 16.37 13.76 -15.74
C4B NAP M . 17.65 14.53 -15.50
O4B NAP M . 18.25 14.13 -14.27
C3B NAP M . 18.73 14.29 -16.55
O3B NAP M . 18.48 15.06 -17.75
C2B NAP M . 20.00 14.71 -15.77
O2B NAP M . 20.45 16.05 -16.05
C1B NAP M . 19.55 14.67 -14.27
N9A NAP M . 20.55 13.89 -13.55
C8A NAP M . 20.91 12.57 -13.71
N7A NAP M . 21.97 12.27 -12.93
C5A NAP M . 22.29 13.37 -12.22
C6A NAP M . 23.33 13.77 -11.21
N6A NAP M . 24.23 12.87 -10.74
N1A NAP M . 23.31 15.07 -10.76
C2A NAP M . 22.42 16.00 -11.20
N3A NAP M . 21.46 15.68 -12.12
C4A NAP M . 21.37 14.44 -12.66
O3 NAP M . 14.33 11.77 -16.23
PN NAP M . 12.88 11.81 -16.96
O1N NAP M . 12.66 13.15 -17.58
O2N NAP M . 12.86 10.51 -17.76
O5D NAP M . 11.85 11.68 -15.70
C5D NAP M . 11.67 12.74 -14.74
C4D NAP M . 11.39 12.16 -13.36
O4D NAP M . 10.35 11.18 -13.46
C3D NAP M . 12.58 11.37 -12.78
O3D NAP M . 12.63 11.56 -11.36
C2D NAP M . 12.34 9.90 -13.06
O2D NAP M . 12.91 8.98 -12.05
C1D NAP M . 10.83 9.88 -12.99
N1N NAP M . 10.28 8.76 -13.76
C2N NAP M . 10.30 8.85 -15.11
C3N NAP M . 9.77 7.84 -15.86
C7N NAP M . 9.76 7.97 -17.36
O7N NAP M . 9.02 7.14 -17.90
N7N NAP M . 10.50 8.95 -18.01
C4N NAP M . 9.22 6.70 -15.20
C5N NAP M . 9.23 6.59 -13.80
C6N NAP M . 9.76 7.68 -13.08
P2B NAP M . 21.51 16.49 -17.22
O1X NAP M . 21.62 18.00 -17.03
O2X NAP M . 20.74 15.98 -18.46
O3X NAP M . 22.78 15.71 -16.91
CAI 6QT N . 11.64 5.27 -18.64
CAH 6QT N . 12.70 6.18 -18.35
OAS 6QT N . 13.32 6.72 -19.30
CAE 6QT N . 13.02 6.44 -16.99
CAD 6QT N . 13.84 7.55 -16.62
CAC 6QT N . 14.13 7.81 -15.27
OAQ 6QT N . 14.94 8.83 -14.86
CAB 6QT N . 13.60 6.97 -14.26
CAA 6QT N . 12.78 5.90 -14.59
CAF 6QT N . 12.50 5.64 -15.93
OAG 6QT N . 11.70 4.58 -16.24
CAJ 6QT N . 11.74 4.11 -17.67
CAM 6QT N . 10.83 3.04 -17.87
CAN 6QT N . 9.79 2.82 -16.94
CAO 6QT N . 8.91 1.74 -17.11
OAR 6QT N . 7.88 1.56 -16.21
CAP 6QT N . 9.11 0.85 -18.19
CAK 6QT N . 10.15 1.04 -19.12
CAL 6QT N . 11.03 2.12 -18.93
#